data_7KZY
#
_entry.id   7KZY
#
_cell.length_a   51.409
_cell.length_b   158.194
_cell.length_c   62.574
_cell.angle_alpha   90.000
_cell.angle_beta   106.238
_cell.angle_gamma   90.000
#
_symmetry.space_group_name_H-M   'P 1 21 1'
#
loop_
_entity.id
_entity.type
_entity.pdbx_description
1 polymer 'Dihydroorotate dehydrogenase (quinone), mitochondrial'
2 non-polymer 3-methyl-N-[(1R)-1-(5-methyl-1H-pyrazol-3-yl)ethyl]-4-{1-[6-(trifluoromethyl)pyridin-3-yl]cyclopropyl}-1H-pyrrole-2-carboxamide
3 non-polymer 'FLAVIN MONONUCLEOTIDE'
4 non-polymer 'OROTIC ACID'
5 water water
#
_entity_poly.entity_id   1
_entity_poly.type   'polypeptide(L)'
_entity_poly.pdbx_seq_one_letter_code
;MGHHHHHHAENLYFQGADPFESYNPEFFLYDIFLKFCLKYIDGEICHDLFLLLGKYNILPYDTSNDSIYACTNIKHLDFI
NPFGVAAGFDKNGVCIDSILKLGFSFIEIGTITPRGQTGNAKPRIFRDVESRSIINSCGFNNMGCDKVTENLILFRKRQE
EDKLLSKHIVGVSIGKNKDTVNIVDDLKYCINKIGRYADYIAINVSSPNTPGLRDNQEAGKLKNIILSVKEEIDNLEKNN
IMNDEFLWFNTTKKKPLVFVKLAPDLNQEQKKEIADVLLETNIDGMIISNTTTQINDIKSFENKKGGVSGAKLKDISTKF
ICEMYNYTNKQIPIIASGGIFSGLDALEKIEAGASVCQLYSCLVFNGMKSAVQIKRELNHLLYQRGYYNLKEAIGRKHSK
S
;
_entity_poly.pdbx_strand_id   A,B
#
# COMPACT_ATOMS: atom_id res chain seq x y z
N HIS A 6 -7.61 4.85 44.89
CA HIS A 6 -7.88 5.75 43.72
C HIS A 6 -9.40 5.78 43.48
N HIS A 7 -10.14 5.88 44.59
CA HIS A 7 -11.59 5.99 44.54
C HIS A 7 -11.97 7.36 43.99
N HIS A 8 -12.60 7.37 42.78
CA HIS A 8 -12.92 8.62 42.08
C HIS A 8 -13.79 9.57 42.91
N ALA A 9 -14.55 9.02 43.88
CA ALA A 9 -15.50 9.82 44.65
C ALA A 9 -14.83 11.03 45.32
N GLU A 10 -13.53 10.95 45.61
CA GLU A 10 -12.85 12.03 46.32
C GLU A 10 -12.74 13.30 45.46
N ASN A 11 -12.48 13.15 44.15
CA ASN A 11 -12.41 14.31 43.28
C ASN A 11 -13.85 14.66 42.86
N GLU A 21 -20.17 5.77 38.53
CA GLU A 21 -19.16 4.83 39.02
C GLU A 21 -18.20 4.41 37.90
N SER A 22 -18.47 3.31 37.17
CA SER A 22 -17.46 2.76 36.27
C SER A 22 -17.23 3.61 35.02
N TYR A 23 -18.15 4.47 34.64
CA TYR A 23 -17.87 5.34 33.50
C TYR A 23 -17.05 6.56 33.89
N ASN A 24 -16.61 6.64 35.15
CA ASN A 24 -15.71 7.70 35.55
C ASN A 24 -14.28 7.33 35.21
N PRO A 25 -13.54 8.16 34.46
CA PRO A 25 -12.17 7.79 34.04
C PRO A 25 -11.22 7.50 35.21
N GLU A 26 -11.53 8.00 36.41
CA GLU A 26 -10.71 7.78 37.60
C GLU A 26 -11.23 6.62 38.46
N PHE A 27 -12.27 5.93 38.01
CA PHE A 27 -12.76 4.75 38.73
C PHE A 27 -11.59 3.82 39.06
N PHE A 28 -11.58 3.33 40.31
CA PHE A 28 -10.34 2.80 40.86
C PHE A 28 -9.85 1.56 40.13
N LEU A 29 -10.74 0.82 39.48
CA LEU A 29 -10.31 -0.43 38.83
C LEU A 29 -9.40 -0.17 37.63
N TYR A 30 -9.50 0.99 36.98
CA TYR A 30 -8.71 1.19 35.77
C TYR A 30 -7.21 1.13 36.09
N ASP A 31 -6.77 1.78 37.17
CA ASP A 31 -5.34 1.75 37.50
C ASP A 31 -4.90 0.32 37.81
N ILE A 32 -5.79 -0.45 38.44
CA ILE A 32 -5.45 -1.82 38.78
C ILE A 32 -5.26 -2.64 37.52
N PHE A 33 -6.24 -2.58 36.60
CA PHE A 33 -6.09 -3.27 35.33
C PHE A 33 -4.86 -2.81 34.54
N LEU A 34 -4.53 -1.50 34.60
CA LEU A 34 -3.41 -0.99 33.81
C LEU A 34 -2.07 -1.45 34.36
N LYS A 35 -1.88 -1.38 35.67
CA LYS A 35 -0.64 -1.87 36.26
C LYS A 35 -0.42 -3.32 35.87
N PHE A 36 -1.47 -4.13 35.91
CA PHE A 36 -1.38 -5.52 35.49
C PHE A 36 -1.03 -5.65 34.01
N CYS A 37 -1.73 -4.91 33.16
CA CYS A 37 -1.41 -4.93 31.73
C CYS A 37 0.04 -4.54 31.48
N LEU A 38 0.50 -3.45 32.11
CA LEU A 38 1.85 -2.98 31.84
C LEU A 38 2.90 -4.00 32.26
N LYS A 39 2.56 -4.84 33.24
CA LYS A 39 3.50 -5.83 33.77
C LYS A 39 3.52 -7.10 32.93
N TYR A 40 2.35 -7.58 32.53
CA TYR A 40 2.21 -8.94 32.01
C TYR A 40 1.80 -9.06 30.54
N ILE A 41 1.28 -8.01 29.91
CA ILE A 41 0.57 -8.16 28.65
C ILE A 41 1.29 -7.39 27.56
N ASP A 42 1.50 -8.02 26.41
CA ASP A 42 2.17 -7.39 25.27
C ASP A 42 1.60 -6.01 24.95
N GLY A 43 2.50 -5.09 24.62
CA GLY A 43 2.08 -3.73 24.34
C GLY A 43 1.04 -3.62 23.24
N GLU A 44 1.28 -4.28 22.10
CA GLU A 44 0.33 -4.13 21.01
C GLU A 44 -1.00 -4.82 21.33
N ILE A 45 -0.98 -5.84 22.20
CA ILE A 45 -2.24 -6.45 22.64
C ILE A 45 -3.01 -5.50 23.57
N CYS A 46 -2.30 -4.82 24.48
CA CYS A 46 -2.96 -3.80 25.30
C CYS A 46 -3.63 -2.75 24.44
N HIS A 47 -2.98 -2.35 23.35
CA HIS A 47 -3.54 -1.32 22.49
C HIS A 47 -4.78 -1.82 21.76
N ASP A 48 -4.72 -3.06 21.23
CA ASP A 48 -5.89 -3.68 20.63
C ASP A 48 -7.07 -3.72 21.60
N LEU A 49 -6.82 -4.08 22.86
CA LEU A 49 -7.89 -4.12 23.85
C LEU A 49 -8.47 -2.74 24.07
N PHE A 50 -7.61 -1.72 24.17
CA PHE A 50 -8.09 -0.35 24.28
C PHE A 50 -9.01 0.01 23.12
N LEU A 51 -8.55 -0.26 21.89
CA LEU A 51 -9.34 0.09 20.71
C LEU A 51 -10.66 -0.67 20.67
N LEU A 52 -10.65 -1.94 21.11
CA LEU A 52 -11.86 -2.74 21.19
C LEU A 52 -12.85 -2.13 22.18
N LEU A 53 -12.39 -1.73 23.37
CA LEU A 53 -13.32 -1.07 24.29
C LEU A 53 -13.89 0.20 23.66
N GLY A 54 -13.05 0.99 22.96
CA GLY A 54 -13.54 2.19 22.33
C GLY A 54 -14.48 1.92 21.17
N LYS A 55 -14.24 0.85 20.41
CA LYS A 55 -15.11 0.49 19.30
C LYS A 55 -16.52 0.22 19.78
N TYR A 56 -16.68 -0.42 20.94
CA TYR A 56 -17.97 -0.73 21.53
C TYR A 56 -18.41 0.32 22.55
N ASN A 57 -17.84 1.52 22.49
CA ASN A 57 -18.25 2.69 23.30
C ASN A 57 -18.39 2.37 24.78
N ILE A 58 -17.50 1.52 25.29
CA ILE A 58 -17.52 1.19 26.73
C ILE A 58 -16.26 1.70 27.43
N LEU A 59 -15.55 2.66 26.85
CA LEU A 59 -14.56 3.38 27.62
C LEU A 59 -15.26 4.38 28.56
N PRO A 60 -14.65 4.70 29.69
CA PRO A 60 -15.18 5.77 30.53
C PRO A 60 -15.09 7.11 29.82
N TYR A 61 -15.75 8.11 30.39
CA TYR A 61 -15.81 9.40 29.74
C TYR A 61 -15.87 10.50 30.80
N ASP A 62 -15.31 11.65 30.42
CA ASP A 62 -15.18 12.82 31.29
C ASP A 62 -16.41 13.68 31.15
N THR A 63 -17.03 13.97 32.30
CA THR A 63 -18.31 14.65 32.39
C THR A 63 -18.17 16.11 32.80
N SER A 64 -16.98 16.68 32.70
CA SER A 64 -16.76 18.06 33.07
C SER A 64 -16.95 18.99 31.88
N ASN A 65 -17.41 20.21 32.18
CA ASN A 65 -17.14 21.33 31.29
C ASN A 65 -15.74 21.83 31.60
N ASP A 66 -14.97 22.06 30.56
CA ASP A 66 -13.60 22.51 30.75
C ASP A 66 -13.57 24.00 31.06
N SER A 67 -12.55 24.39 31.82
CA SER A 67 -12.33 25.79 32.14
C SER A 67 -12.18 26.64 30.89
N ILE A 68 -12.96 27.73 30.80
CA ILE A 68 -12.78 28.62 29.65
C ILE A 68 -11.43 29.32 29.70
N TYR A 69 -10.76 29.31 30.85
CA TYR A 69 -9.47 29.98 31.01
C TYR A 69 -8.29 29.11 30.57
N ALA A 70 -8.54 27.89 30.13
CA ALA A 70 -7.52 27.03 29.57
C ALA A 70 -7.81 26.68 28.12
N CYS A 71 -8.77 27.38 27.49
CA CYS A 71 -8.94 27.22 26.06
CA CYS A 71 -8.98 27.30 26.05
C CYS A 71 -7.76 27.84 25.32
N THR A 72 -7.60 27.46 24.06
CA THR A 72 -6.47 27.94 23.26
C THR A 72 -6.85 27.84 21.80
N ASN A 73 -6.05 28.48 20.95
CA ASN A 73 -6.34 28.45 19.52
C ASN A 73 -5.06 28.44 18.72
N ILE A 74 -5.16 27.91 17.50
CA ILE A 74 -4.16 28.05 16.44
C ILE A 74 -4.96 28.55 15.26
N LYS A 75 -4.72 29.79 14.87
CA LYS A 75 -5.52 30.46 13.87
C LYS A 75 -6.97 30.26 14.25
N HIS A 76 -7.85 29.81 13.35
CA HIS A 76 -9.27 29.70 13.61
C HIS A 76 -9.65 28.41 14.33
N LEU A 77 -8.70 27.52 14.62
CA LEU A 77 -8.95 26.32 15.41
C LEU A 77 -9.08 26.71 16.88
N ASP A 78 -10.27 26.55 17.42
CA ASP A 78 -10.59 26.87 18.81
C ASP A 78 -10.63 25.56 19.59
N PHE A 79 -9.55 25.28 20.31
CA PHE A 79 -9.48 24.08 21.13
C PHE A 79 -10.19 24.32 22.46
N ILE A 80 -11.08 23.40 22.84
CA ILE A 80 -11.83 23.62 24.09
C ILE A 80 -10.94 23.46 25.31
N ASN A 81 -9.84 22.73 25.20
CA ASN A 81 -8.83 22.59 26.24
C ASN A 81 -7.52 22.30 25.53
N PRO A 82 -6.42 22.32 26.22
CA PRO A 82 -5.15 22.30 25.47
C PRO A 82 -4.52 20.94 25.27
N PHE A 83 -5.29 19.86 25.46
CA PHE A 83 -4.80 18.48 25.37
C PHE A 83 -5.49 17.67 24.28
N GLY A 84 -4.69 17.22 23.31
CA GLY A 84 -5.13 16.29 22.30
C GLY A 84 -4.30 15.01 22.37
N VAL A 85 -4.70 14.05 21.56
CA VAL A 85 -3.99 12.77 21.44
C VAL A 85 -3.21 12.79 20.15
N ALA A 86 -1.90 12.50 20.26
CA ALA A 86 -0.95 12.59 19.13
C ALA A 86 -1.21 11.51 18.09
N ALA A 87 -0.60 11.70 16.93
CA ALA A 87 -0.74 10.73 15.86
C ALA A 87 -0.13 9.38 16.27
N GLY A 88 -0.59 8.33 15.60
CA GLY A 88 -0.11 6.99 15.87
C GLY A 88 -0.88 6.25 16.94
N PHE A 89 -1.82 6.90 17.62
CA PHE A 89 -2.58 6.23 18.66
C PHE A 89 -3.85 5.60 18.09
N ASP A 90 -4.64 6.39 17.36
CA ASP A 90 -5.74 5.89 16.51
C ASP A 90 -5.31 6.07 15.04
N LYS A 91 -4.50 5.14 14.56
CA LYS A 91 -3.95 5.22 13.20
C LYS A 91 -5.05 5.15 12.15
N ASN A 92 -6.12 4.41 12.40
CA ASN A 92 -7.17 4.21 11.41
C ASN A 92 -8.44 5.01 11.65
N GLY A 93 -8.46 5.87 12.66
CA GLY A 93 -9.69 6.58 12.93
C GLY A 93 -10.88 5.73 13.34
N VAL A 94 -10.64 4.64 14.09
CA VAL A 94 -11.71 3.74 14.49
C VAL A 94 -12.18 3.99 15.92
N CYS A 95 -11.57 4.92 16.61
CA CYS A 95 -11.82 5.10 18.03
C CYS A 95 -11.95 6.57 18.39
N ILE A 96 -12.39 7.40 17.44
CA ILE A 96 -12.26 8.85 17.61
C ILE A 96 -13.16 9.34 18.73
N ASP A 97 -14.44 9.02 18.66
CA ASP A 97 -15.39 9.52 19.66
C ASP A 97 -14.95 9.14 21.05
N SER A 98 -14.62 7.87 21.26
CA SER A 98 -14.36 7.39 22.59
C SER A 98 -13.08 7.98 23.16
N ILE A 99 -12.05 8.14 22.32
CA ILE A 99 -10.83 8.78 22.82
C ILE A 99 -11.12 10.23 23.19
N LEU A 100 -11.77 10.98 22.30
CA LEU A 100 -12.12 12.36 22.62
C LEU A 100 -12.91 12.46 23.93
N LYS A 101 -13.87 11.56 24.11
CA LYS A 101 -14.74 11.66 25.29
C LYS A 101 -14.03 11.31 26.61
N LEU A 102 -12.76 10.88 26.57
CA LEU A 102 -11.95 10.77 27.80
C LEU A 102 -11.60 12.12 28.40
N GLY A 103 -11.76 13.18 27.62
CA GLY A 103 -11.50 14.54 28.05
C GLY A 103 -10.60 15.34 27.11
N PHE A 104 -10.22 14.79 25.95
CA PHE A 104 -9.35 15.49 25.03
C PHE A 104 -10.15 16.40 24.12
N SER A 105 -9.52 17.51 23.71
CA SER A 105 -10.10 18.48 22.80
C SER A 105 -9.90 18.12 21.34
N PHE A 106 -8.92 17.29 21.03
CA PHE A 106 -8.67 16.93 19.63
C PHE A 106 -7.87 15.64 19.56
N ILE A 107 -7.82 15.09 18.35
CA ILE A 107 -7.03 13.90 18.05
C ILE A 107 -6.50 14.05 16.63
N GLU A 108 -5.26 13.60 16.44
CA GLU A 108 -4.62 13.53 15.14
C GLU A 108 -4.62 12.04 14.75
N ILE A 109 -5.46 11.67 13.80
CA ILE A 109 -5.49 10.26 13.38
C ILE A 109 -4.41 10.06 12.33
N GLY A 110 -4.13 8.83 12.02
CA GLY A 110 -3.01 8.53 11.15
C GLY A 110 -1.79 8.21 12.00
N THR A 111 -0.62 8.19 11.36
CA THR A 111 -0.41 8.56 9.96
C THR A 111 -0.97 7.56 8.97
N ILE A 112 -1.65 8.06 7.98
CA ILE A 112 -2.18 7.27 6.88
C ILE A 112 -1.27 7.37 5.68
N THR A 113 -1.36 6.35 4.82
CA THR A 113 -0.70 6.31 3.53
C THR A 113 -1.73 5.97 2.46
N PRO A 114 -1.45 6.25 1.17
CA PRO A 114 -2.46 5.96 0.13
C PRO A 114 -2.98 4.54 0.15
N ARG A 115 -2.08 3.57 0.12
CA ARG A 115 -2.44 2.16 0.23
C ARG A 115 -2.21 1.69 1.67
N GLY A 116 -2.99 0.69 2.10
CA GLY A 116 -2.77 0.12 3.42
C GLY A 116 -1.40 -0.51 3.55
N GLN A 117 -0.94 -0.72 4.80
CA GLN A 117 0.30 -1.43 5.06
C GLN A 117 0.13 -2.13 6.39
N THR A 118 0.70 -3.34 6.53
CA THR A 118 0.68 -3.95 7.85
C THR A 118 1.85 -3.50 8.72
N GLY A 119 2.85 -2.85 8.14
CA GLY A 119 3.92 -2.24 8.91
C GLY A 119 5.10 -3.19 9.02
N ASN A 120 6.08 -2.79 9.81
CA ASN A 120 7.28 -3.61 9.99
C ASN A 120 6.97 -4.83 10.87
N ALA A 121 7.88 -5.79 10.84
CA ALA A 121 7.60 -7.04 11.52
C ALA A 121 7.64 -6.84 13.03
N LYS A 122 6.89 -7.70 13.72
CA LYS A 122 6.79 -7.78 15.16
C LYS A 122 7.89 -8.66 15.73
N PRO A 123 8.20 -8.52 17.04
CA PRO A 123 7.63 -7.50 17.93
C PRO A 123 8.22 -6.14 17.59
N ARG A 124 7.47 -5.06 17.77
CA ARG A 124 7.95 -3.79 17.26
C ARG A 124 7.57 -2.65 18.20
N ILE A 125 7.03 -2.95 19.36
CA ILE A 125 6.69 -1.93 20.34
C ILE A 125 7.04 -2.48 21.71
N PHE A 126 7.74 -1.68 22.50
CA PHE A 126 8.22 -2.08 23.80
C PHE A 126 8.12 -0.91 24.78
N ARG A 127 7.62 -1.18 25.98
CA ARG A 127 7.47 -0.18 27.01
C ARG A 127 8.47 -0.42 28.12
N ASP A 128 8.81 0.65 28.80
CA ASP A 128 9.63 0.59 30.01
C ASP A 128 8.93 1.46 31.05
N VAL A 129 8.27 0.80 32.01
CA VAL A 129 7.44 1.52 32.97
C VAL A 129 8.31 2.39 33.88
N GLU A 130 9.50 1.89 34.23
CA GLU A 130 10.37 2.58 35.17
C GLU A 130 10.70 3.98 34.68
N SER A 131 11.05 4.10 33.40
CA SER A 131 11.43 5.38 32.79
C SER A 131 10.28 6.07 32.09
N ARG A 132 9.08 5.49 32.15
CA ARG A 132 7.91 5.98 31.41
C ARG A 132 8.30 6.26 29.94
N SER A 133 8.90 5.26 29.32
CA SER A 133 9.36 5.38 27.94
C SER A 133 8.80 4.27 27.07
N ILE A 134 8.74 4.57 25.77
CA ILE A 134 8.34 3.60 24.76
C ILE A 134 9.37 3.65 23.64
N ILE A 135 9.58 2.52 22.99
CA ILE A 135 10.33 2.47 21.72
C ILE A 135 9.49 1.70 20.70
N ASN A 136 9.43 2.24 19.48
CA ASN A 136 8.60 1.61 18.46
C ASN A 136 9.27 1.66 17.09
N SER A 137 9.08 0.58 16.34
CA SER A 137 9.42 0.52 14.92
C SER A 137 8.22 0.09 14.09
N CYS A 138 7.08 0.79 14.26
CA CYS A 138 5.82 0.28 13.71
CA CYS A 138 5.81 0.29 13.71
C CYS A 138 5.83 0.26 12.19
N GLY A 139 6.31 1.35 11.56
CA GLY A 139 6.36 1.48 10.10
C GLY A 139 5.07 1.80 9.38
N PHE A 140 4.27 2.71 9.91
CA PHE A 140 3.04 3.21 9.28
C PHE A 140 2.04 2.09 8.99
N ASN A 141 1.73 1.31 10.02
CA ASN A 141 0.66 0.33 9.91
C ASN A 141 -0.65 1.08 9.82
N ASN A 142 -1.39 0.89 8.72
CA ASN A 142 -2.69 1.53 8.59
C ASN A 142 -3.49 0.87 7.48
N MET A 143 -4.81 1.07 7.53
CA MET A 143 -5.68 0.44 6.55
C MET A 143 -5.68 1.16 5.20
N GLY A 144 -4.96 2.25 5.09
CA GLY A 144 -4.89 2.98 3.83
C GLY A 144 -5.85 4.15 3.81
N CYS A 145 -5.50 5.18 3.03
CA CYS A 145 -6.26 6.43 3.03
C CYS A 145 -7.74 6.22 2.73
N ASP A 146 -8.08 5.32 1.81
CA ASP A 146 -9.49 5.23 1.42
C ASP A 146 -10.34 4.67 2.53
N LYS A 147 -9.89 3.58 3.17
CA LYS A 147 -10.67 3.04 4.30
C LYS A 147 -10.71 4.01 5.47
N VAL A 148 -9.58 4.63 5.83
CA VAL A 148 -9.59 5.55 6.97
C VAL A 148 -10.49 6.74 6.68
N THR A 149 -10.55 7.17 5.41
CA THR A 149 -11.51 8.21 5.02
C THR A 149 -12.94 7.80 5.31
N GLU A 150 -13.31 6.53 5.03
CA GLU A 150 -14.64 6.06 5.40
C GLU A 150 -14.84 6.11 6.91
N ASN A 151 -13.79 5.77 7.68
CA ASN A 151 -13.92 5.81 9.12
C ASN A 151 -14.15 7.24 9.61
N LEU A 152 -13.43 8.20 9.02
CA LEU A 152 -13.59 9.58 9.44
C LEU A 152 -14.94 10.14 9.03
N ILE A 153 -15.45 9.75 7.87
CA ILE A 153 -16.77 10.18 7.46
C ILE A 153 -17.83 9.69 8.44
N LEU A 154 -17.71 8.44 8.90
CA LEU A 154 -18.67 7.96 9.90
C LEU A 154 -18.62 8.82 11.14
N PHE A 155 -17.41 9.17 11.59
CA PHE A 155 -17.30 10.09 12.72
C PHE A 155 -17.98 11.43 12.42
N ARG A 156 -17.75 11.99 11.24
CA ARG A 156 -18.27 13.32 10.96
C ARG A 156 -19.78 13.31 10.92
N LYS A 157 -20.38 12.20 10.49
CA LYS A 157 -21.83 12.04 10.52
C LYS A 157 -22.37 11.93 11.94
N ARG A 158 -21.71 11.15 12.80
CA ARG A 158 -22.12 11.11 14.20
C ARG A 158 -21.97 12.50 14.84
N GLN A 159 -20.87 13.20 14.55
CA GLN A 159 -20.65 14.54 15.09
C GLN A 159 -21.80 15.48 14.74
N GLU A 160 -22.22 15.45 13.48
CA GLU A 160 -23.29 16.30 12.98
C GLU A 160 -24.56 16.17 13.81
N GLU A 161 -24.75 15.02 14.46
CA GLU A 161 -25.94 14.76 15.26
C GLU A 161 -25.72 14.92 16.76
N ASP A 162 -24.48 14.90 17.23
CA ASP A 162 -24.20 14.91 18.66
C ASP A 162 -23.59 16.26 19.01
N LYS A 163 -24.41 17.14 19.58
CA LYS A 163 -23.97 18.47 19.97
C LYS A 163 -22.72 18.40 20.85
N LEU A 164 -22.59 17.32 21.62
CA LEU A 164 -21.49 17.22 22.57
C LEU A 164 -20.13 17.13 21.87
N LEU A 165 -20.10 16.87 20.57
CA LEU A 165 -18.85 16.65 19.82
C LEU A 165 -18.56 17.77 18.83
N SER A 166 -19.45 18.75 18.74
CA SER A 166 -19.42 19.72 17.65
C SER A 166 -18.21 20.66 17.69
N LYS A 167 -17.54 20.80 18.83
CA LYS A 167 -16.36 21.66 18.90
C LYS A 167 -15.03 20.89 18.95
N HIS A 168 -15.11 19.57 18.97
CA HIS A 168 -13.91 18.76 18.99
C HIS A 168 -13.27 18.77 17.60
N ILE A 169 -11.94 18.69 17.60
CA ILE A 169 -11.16 18.81 16.37
C ILE A 169 -10.51 17.49 16.01
N VAL A 170 -10.46 17.19 14.71
CA VAL A 170 -9.77 16.02 14.18
C VAL A 170 -8.82 16.47 13.08
N GLY A 171 -7.53 16.24 13.29
CA GLY A 171 -6.53 16.46 12.29
C GLY A 171 -6.18 15.09 11.71
N VAL A 172 -5.60 15.10 10.50
CA VAL A 172 -5.14 13.88 9.85
C VAL A 172 -3.67 14.01 9.51
N SER A 173 -2.87 13.07 10.02
CA SER A 173 -1.48 12.94 9.67
C SER A 173 -1.33 12.10 8.40
N ILE A 174 -0.59 12.63 7.43
CA ILE A 174 -0.42 11.98 6.14
C ILE A 174 1.06 11.72 5.91
N GLY A 175 1.34 10.62 5.21
CA GLY A 175 2.69 10.25 4.91
C GLY A 175 2.77 9.43 3.63
N LYS A 176 3.80 8.64 3.44
CA LYS A 176 3.94 7.91 2.18
C LYS A 176 4.05 6.41 2.42
N ASN A 177 3.65 5.65 1.40
CA ASN A 177 3.84 4.23 1.45
C ASN A 177 5.34 3.93 1.39
N LYS A 178 5.72 2.82 1.97
CA LYS A 178 7.14 2.47 2.05
C LYS A 178 7.81 2.52 0.69
N ASP A 179 7.16 1.95 -0.33
CA ASP A 179 7.81 1.81 -1.63
C ASP A 179 7.55 2.97 -2.58
N THR A 180 6.92 4.02 -2.14
CA THR A 180 6.70 5.16 -3.04
C THR A 180 7.98 5.94 -3.24
N VAL A 181 8.25 6.33 -4.49
CA VAL A 181 9.47 7.09 -4.80
C VAL A 181 9.32 8.59 -4.46
N ASN A 182 8.26 9.25 -4.95
CA ASN A 182 8.05 10.67 -4.72
CA ASN A 182 8.05 10.68 -4.72
C ASN A 182 6.97 10.84 -3.65
N ILE A 183 7.39 11.26 -2.46
CA ILE A 183 6.46 11.49 -1.35
C ILE A 183 5.30 12.38 -1.77
N VAL A 184 5.54 13.38 -2.65
CA VAL A 184 4.50 14.35 -2.93
C VAL A 184 3.29 13.67 -3.55
N ASP A 185 3.52 12.66 -4.41
CA ASP A 185 2.39 11.95 -4.99
C ASP A 185 1.48 11.38 -3.93
N ASP A 186 2.08 10.75 -2.89
CA ASP A 186 1.25 10.17 -1.83
C ASP A 186 0.58 11.24 -0.98
N LEU A 187 1.27 12.35 -0.73
CA LEU A 187 0.66 13.42 0.05
C LEU A 187 -0.55 13.98 -0.69
N LYS A 188 -0.43 14.20 -2.01
CA LYS A 188 -1.54 14.75 -2.79
C LYS A 188 -2.70 13.76 -2.84
N TYR A 189 -2.40 12.48 -2.99
CA TYR A 189 -3.46 11.47 -2.95
C TYR A 189 -4.27 11.56 -1.67
N CYS A 190 -3.61 11.63 -0.52
CA CYS A 190 -4.35 11.74 0.74
C CYS A 190 -5.16 13.03 0.83
N ILE A 191 -4.61 14.16 0.38
CA ILE A 191 -5.36 15.43 0.41
C ILE A 191 -6.65 15.31 -0.39
N ASN A 192 -6.58 14.76 -1.60
CA ASN A 192 -7.75 14.73 -2.46
C ASN A 192 -8.82 13.77 -1.95
N LYS A 193 -8.48 12.83 -1.07
CA LYS A 193 -9.47 11.90 -0.59
C LYS A 193 -9.99 12.29 0.80
N ILE A 194 -9.10 12.63 1.72
CA ILE A 194 -9.51 12.87 3.10
C ILE A 194 -9.48 14.35 3.50
N GLY A 195 -8.88 15.24 2.69
CA GLY A 195 -8.67 16.61 3.14
C GLY A 195 -9.97 17.34 3.50
N ARG A 196 -11.06 17.05 2.79
CA ARG A 196 -12.30 17.78 3.06
C ARG A 196 -12.95 17.42 4.39
N TYR A 197 -12.48 16.35 5.06
CA TYR A 197 -13.00 15.93 6.35
C TYR A 197 -12.05 16.27 7.48
N ALA A 198 -10.93 16.90 7.18
CA ALA A 198 -9.91 17.24 8.16
C ALA A 198 -9.99 18.70 8.59
N ASP A 199 -9.83 18.96 9.89
CA ASP A 199 -9.66 20.32 10.38
C ASP A 199 -8.23 20.82 10.17
N TYR A 200 -7.28 19.91 10.18
CA TYR A 200 -5.93 20.22 9.75
C TYR A 200 -5.29 18.98 9.21
N ILE A 201 -4.25 19.18 8.40
CA ILE A 201 -3.40 18.13 7.87
C ILE A 201 -2.03 18.26 8.53
N ALA A 202 -1.50 17.17 9.06
CA ALA A 202 -0.14 17.11 9.53
C ALA A 202 0.69 16.35 8.51
N ILE A 203 1.72 16.99 8.02
CA ILE A 203 2.66 16.39 7.09
C ILE A 203 3.73 15.70 7.91
N ASN A 204 3.82 14.38 7.77
CA ASN A 204 4.80 13.60 8.52
C ASN A 204 6.04 13.36 7.68
N VAL A 205 7.07 14.16 7.93
CA VAL A 205 8.40 13.93 7.35
C VAL A 205 9.40 13.51 8.43
N SER A 206 8.91 12.96 9.56
CA SER A 206 9.77 12.73 10.72
C SER A 206 9.67 11.33 11.35
N SER A 207 8.79 10.43 10.89
CA SER A 207 8.87 9.05 11.37
C SER A 207 10.30 8.50 11.17
N PRO A 208 10.88 7.85 12.18
CA PRO A 208 12.18 7.20 11.98
C PRO A 208 12.09 5.82 11.34
N ASN A 209 10.88 5.30 11.10
CA ASN A 209 10.69 3.90 10.75
C ASN A 209 10.30 3.67 9.30
N THR A 210 10.35 4.72 8.48
CA THR A 210 10.19 4.58 7.03
C THR A 210 11.49 5.06 6.40
N PRO A 211 12.24 4.19 5.74
CA PRO A 211 13.58 4.58 5.25
C PRO A 211 13.50 5.80 4.31
N GLY A 212 14.40 6.74 4.54
CA GLY A 212 14.49 7.93 3.72
C GLY A 212 13.45 9.00 3.98
N LEU A 213 12.48 8.77 4.87
CA LEU A 213 11.44 9.78 5.07
C LEU A 213 12.01 11.06 5.69
N ARG A 214 12.93 10.93 6.65
CA ARG A 214 13.46 12.11 7.36
C ARG A 214 14.28 12.99 6.44
N ASP A 215 14.76 12.45 5.32
CA ASP A 215 15.53 13.24 4.38
C ASP A 215 14.72 14.41 3.85
N ASN A 216 13.40 14.28 3.86
CA ASN A 216 12.50 15.33 3.39
C ASN A 216 12.47 16.54 4.30
N GLN A 217 13.19 16.50 5.44
CA GLN A 217 13.34 17.69 6.26
C GLN A 217 14.38 18.63 5.70
N GLU A 218 15.14 18.21 4.70
CA GLU A 218 16.05 19.13 4.04
C GLU A 218 15.25 20.30 3.47
N ALA A 219 15.82 21.51 3.56
CA ALA A 219 15.08 22.75 3.30
C ALA A 219 14.44 22.76 1.92
N GLY A 220 15.20 22.46 0.87
CA GLY A 220 14.66 22.47 -0.48
C GLY A 220 13.53 21.48 -0.69
N LYS A 221 13.72 20.25 -0.22
CA LYS A 221 12.63 19.26 -0.30
C LYS A 221 11.43 19.69 0.54
N LEU A 222 11.68 20.20 1.74
CA LEU A 222 10.56 20.57 2.60
C LEU A 222 9.74 21.66 1.97
N LYS A 223 10.41 22.65 1.36
CA LYS A 223 9.71 23.77 0.77
C LYS A 223 8.75 23.31 -0.30
N ASN A 224 9.24 22.46 -1.20
CA ASN A 224 8.42 21.93 -2.28
C ASN A 224 7.29 21.08 -1.72
N ILE A 225 7.55 20.30 -0.65
CA ILE A 225 6.49 19.52 -0.04
C ILE A 225 5.40 20.44 0.50
N ILE A 226 5.77 21.49 1.24
CA ILE A 226 4.74 22.33 1.85
C ILE A 226 3.93 23.03 0.77
N LEU A 227 4.61 23.61 -0.19
CA LEU A 227 3.94 24.35 -1.27
C LEU A 227 3.03 23.41 -2.08
N SER A 228 3.48 22.18 -2.35
CA SER A 228 2.64 21.21 -3.07
C SER A 228 1.39 20.87 -2.28
N VAL A 229 1.53 20.67 -0.97
CA VAL A 229 0.39 20.32 -0.13
C VAL A 229 -0.59 21.49 -0.06
N LYS A 230 -0.07 22.70 0.15
CA LYS A 230 -0.96 23.86 0.16
C LYS A 230 -1.67 24.02 -1.18
N GLU A 231 -0.93 23.87 -2.29
CA GLU A 231 -1.54 24.01 -3.61
C GLU A 231 -2.67 23.00 -3.80
N GLU A 232 -2.47 21.75 -3.33
CA GLU A 232 -3.47 20.72 -3.51
C GLU A 232 -4.71 21.00 -2.70
N ILE A 233 -4.54 21.47 -1.47
CA ILE A 233 -5.68 21.88 -0.67
C ILE A 233 -6.41 23.04 -1.34
N ASP A 234 -5.66 24.02 -1.87
CA ASP A 234 -6.30 25.16 -2.52
C ASP A 234 -7.05 24.72 -3.77
N ASN A 235 -6.56 23.72 -4.50
CA ASN A 235 -7.27 23.23 -5.69
C ASN A 235 -8.52 22.43 -5.30
N LEU A 236 -8.44 21.69 -4.20
CA LEU A 236 -9.62 20.98 -3.70
C LEU A 236 -10.76 21.97 -3.51
N GLU A 237 -10.44 23.14 -2.95
CA GLU A 237 -11.46 24.17 -2.74
C GLU A 237 -11.97 24.72 -4.06
N LYS A 238 -11.08 25.29 -4.88
CA LYS A 238 -11.40 25.85 -6.18
C LYS A 238 -12.33 24.97 -7.00
N ASN A 239 -12.08 23.66 -7.00
CA ASN A 239 -12.79 22.75 -7.91
C ASN A 239 -14.07 22.19 -7.32
N ASN A 240 -14.41 22.53 -6.07
CA ASN A 240 -15.56 21.90 -5.44
C ASN A 240 -16.45 22.84 -4.62
N ILE A 241 -16.14 24.14 -4.55
CA ILE A 241 -16.96 25.06 -3.74
C ILE A 241 -18.41 25.05 -4.20
N MET A 242 -18.62 25.06 -5.53
CA MET A 242 -19.95 25.23 -6.09
C MET A 242 -20.77 23.95 -5.99
N ASN A 243 -20.17 22.86 -5.52
CA ASN A 243 -20.90 21.62 -5.35
C ASN A 243 -22.08 21.85 -4.42
N ASP A 244 -23.15 21.11 -4.68
CA ASP A 244 -24.32 21.18 -3.81
C ASP A 244 -23.94 20.82 -2.37
N GLU A 245 -23.29 19.67 -2.18
CA GLU A 245 -22.87 19.30 -0.83
C GLU A 245 -21.73 20.20 -0.37
N PHE A 246 -21.88 20.78 0.83
CA PHE A 246 -20.85 21.71 1.31
C PHE A 246 -19.49 21.03 1.38
N LEU A 247 -18.46 21.77 1.00
CA LEU A 247 -17.16 21.14 0.78
C LEU A 247 -16.53 20.66 2.09
N TRP A 248 -16.45 21.55 3.09
CA TRP A 248 -15.72 21.27 4.32
C TRP A 248 -16.66 20.60 5.30
N PHE A 249 -16.62 19.27 5.32
CA PHE A 249 -17.39 18.45 6.26
C PHE A 249 -16.50 18.12 7.45
N ASN A 250 -16.19 19.17 8.23
CA ASN A 250 -15.27 19.09 9.35
C ASN A 250 -15.79 19.98 10.49
N THR A 251 -14.97 20.21 11.49
CA THR A 251 -15.45 21.02 12.64
C THR A 251 -15.41 22.49 12.31
N THR A 252 -14.34 22.92 11.66
CA THR A 252 -14.12 24.34 11.39
C THR A 252 -15.03 24.86 10.30
N LYS A 253 -15.47 24.00 9.40
CA LYS A 253 -16.18 24.36 8.17
C LYS A 253 -15.34 25.23 7.25
N LYS A 254 -14.02 25.09 7.35
CA LYS A 254 -13.04 25.77 6.52
C LYS A 254 -12.05 24.76 5.98
N LYS A 255 -11.26 25.19 4.99
CA LYS A 255 -10.22 24.36 4.43
C LYS A 255 -9.22 23.99 5.53
N PRO A 256 -8.68 22.78 5.52
CA PRO A 256 -7.76 22.38 6.61
C PRO A 256 -6.49 23.22 6.63
N LEU A 257 -6.09 23.57 7.86
CA LEU A 257 -4.77 24.11 8.11
C LEU A 257 -3.72 23.05 7.80
N VAL A 258 -2.47 23.50 7.66
CA VAL A 258 -1.35 22.64 7.33
C VAL A 258 -0.28 22.78 8.40
N PHE A 259 0.06 21.65 9.05
CA PHE A 259 1.16 21.57 9.98
C PHE A 259 2.27 20.67 9.43
N VAL A 260 3.48 20.88 9.90
CA VAL A 260 4.56 19.93 9.66
C VAL A 260 4.97 19.35 11.01
N LYS A 261 5.26 18.05 11.03
CA LYS A 261 5.78 17.40 12.21
C LYS A 261 7.24 17.08 12.00
N LEU A 262 8.08 17.59 12.90
CA LEU A 262 9.52 17.55 12.75
C LEU A 262 10.13 16.56 13.74
N ALA A 263 11.27 16.02 13.38
CA ALA A 263 12.05 15.13 14.21
C ALA A 263 13.04 15.92 15.08
N PRO A 264 13.25 15.50 16.32
CA PRO A 264 14.20 16.21 17.18
C PRO A 264 15.64 15.94 16.84
N ASP A 265 15.92 15.02 15.92
CA ASP A 265 17.30 14.60 15.62
C ASP A 265 17.79 15.37 14.40
N LEU A 266 18.12 16.64 14.65
CA LEU A 266 18.56 17.60 13.65
C LEU A 266 19.65 18.45 14.29
N ASN A 267 20.54 18.98 13.48
CA ASN A 267 21.52 19.90 14.00
C ASN A 267 20.98 21.33 13.90
N GLN A 268 21.71 22.28 14.49
CA GLN A 268 21.22 23.65 14.57
C GLN A 268 21.08 24.30 13.19
N GLU A 269 21.94 23.93 12.24
CA GLU A 269 21.84 24.53 10.92
C GLU A 269 20.60 24.05 10.19
N GLN A 270 20.28 22.75 10.33
CA GLN A 270 19.06 22.22 9.74
C GLN A 270 17.83 22.90 10.36
N LYS A 271 17.86 23.09 11.68
CA LYS A 271 16.72 23.69 12.34
C LYS A 271 16.52 25.12 11.84
N LYS A 272 17.61 25.84 11.63
CA LYS A 272 17.50 27.22 11.15
C LYS A 272 17.00 27.27 9.72
N GLU A 273 17.50 26.36 8.85
CA GLU A 273 17.07 26.35 7.46
C GLU A 273 15.60 25.95 7.32
N ILE A 274 15.15 24.98 8.14
CA ILE A 274 13.73 24.62 8.18
C ILE A 274 12.89 25.83 8.62
N ALA A 275 13.31 26.52 9.68
CA ALA A 275 12.51 27.68 10.14
C ALA A 275 12.38 28.73 9.05
N ASP A 276 13.46 28.99 8.31
CA ASP A 276 13.35 29.95 7.19
C ASP A 276 12.32 29.49 6.18
N VAL A 277 12.27 28.20 5.88
CA VAL A 277 11.27 27.66 4.96
C VAL A 277 9.86 27.81 5.52
N LEU A 278 9.67 27.53 6.80
CA LEU A 278 8.35 27.64 7.41
C LEU A 278 7.83 29.06 7.37
N LEU A 279 8.71 30.04 7.61
CA LEU A 279 8.35 31.44 7.44
C LEU A 279 7.98 31.79 6.00
N GLU A 280 8.78 31.35 5.02
CA GLU A 280 8.50 31.73 3.65
C GLU A 280 7.22 31.10 3.13
N THR A 281 7.00 29.80 3.43
CA THR A 281 5.84 29.07 2.92
C THR A 281 4.56 29.31 3.70
N ASN A 282 4.64 29.97 4.85
CA ASN A 282 3.47 30.32 5.64
C ASN A 282 2.76 29.06 6.17
N ILE A 283 3.54 28.11 6.69
CA ILE A 283 2.91 26.95 7.33
C ILE A 283 2.06 27.43 8.51
N ASP A 284 0.98 26.71 8.82
CA ASP A 284 0.10 27.15 9.90
C ASP A 284 0.54 26.72 11.29
N GLY A 285 1.44 25.76 11.37
CA GLY A 285 1.84 25.27 12.68
C GLY A 285 2.94 24.25 12.51
N MET A 286 3.69 24.05 13.59
CA MET A 286 4.70 23.00 13.62
C MET A 286 4.53 22.13 14.85
N ILE A 287 4.55 20.81 14.64
CA ILE A 287 4.43 19.83 15.71
C ILE A 287 5.84 19.41 16.12
N ILE A 288 6.21 19.76 17.34
CA ILE A 288 7.54 19.59 17.89
C ILE A 288 7.34 18.73 19.15
N SER A 289 7.67 17.45 19.09
CA SER A 289 8.34 16.77 17.98
C SER A 289 7.94 15.30 17.91
N ASN A 290 8.46 14.61 16.91
CA ASN A 290 8.35 13.16 16.80
C ASN A 290 9.35 12.49 17.76
N THR A 291 9.40 11.17 17.70
CA THR A 291 10.28 10.38 18.53
C THR A 291 11.75 10.59 18.18
N THR A 292 12.62 10.18 19.09
CA THR A 292 14.05 10.39 18.93
C THR A 292 14.78 9.06 18.83
N THR A 293 15.83 9.04 18.03
CA THR A 293 16.71 7.90 17.93
C THR A 293 18.00 8.08 18.70
N GLN A 294 18.12 9.14 19.51
CA GLN A 294 19.39 9.47 20.13
C GLN A 294 19.45 9.12 21.62
N ILE A 295 18.55 8.28 22.13
CA ILE A 295 18.54 7.92 23.54
C ILE A 295 19.16 6.55 23.74
N ASN A 296 20.11 6.46 24.67
CA ASN A 296 20.96 5.29 24.84
C ASN A 296 20.78 4.58 26.18
N ASP A 297 20.41 5.32 27.24
CA ASP A 297 20.52 4.82 28.60
C ASP A 297 19.26 4.12 29.09
N ILE A 298 18.52 3.45 28.22
CA ILE A 298 17.42 2.60 28.63
C ILE A 298 17.89 1.17 28.44
N LYS A 299 18.22 0.49 29.54
CA LYS A 299 18.82 -0.82 29.42
C LYS A 299 17.92 -1.78 28.63
N SER A 300 16.62 -1.81 28.96
CA SER A 300 15.71 -2.76 28.33
C SER A 300 15.45 -2.48 26.85
N PHE A 301 15.87 -1.34 26.32
CA PHE A 301 15.73 -1.03 24.91
C PHE A 301 17.01 -1.25 24.12
N GLU A 302 18.07 -1.77 24.74
CA GLU A 302 19.38 -1.79 24.08
C GLU A 302 19.38 -2.65 22.83
N ASN A 303 18.61 -3.75 22.84
CA ASN A 303 18.51 -4.61 21.68
C ASN A 303 17.71 -3.99 20.54
N LYS A 304 16.93 -2.93 20.79
CA LYS A 304 15.75 -2.64 20.00
C LYS A 304 15.93 -1.46 19.05
N LYS A 305 15.17 -1.52 17.96
CA LYS A 305 15.17 -0.54 16.89
C LYS A 305 14.04 0.47 17.08
N GLY A 306 14.23 1.66 16.53
CA GLY A 306 13.14 2.60 16.36
C GLY A 306 13.26 3.90 17.16
N GLY A 307 12.12 4.59 17.27
CA GLY A 307 12.07 5.89 17.92
C GLY A 307 11.58 5.77 19.37
N VAL A 308 12.15 6.60 20.23
CA VAL A 308 11.82 6.60 21.65
C VAL A 308 10.87 7.74 21.97
N SER A 309 9.82 7.42 22.73
CA SER A 309 8.83 8.36 23.24
C SER A 309 8.92 8.39 24.77
N GLY A 310 8.23 9.34 25.36
CA GLY A 310 8.05 9.31 26.82
C GLY A 310 8.92 10.29 27.56
N ALA A 311 9.12 9.97 28.85
CA ALA A 311 9.72 10.92 29.76
C ALA A 311 11.12 11.28 29.33
N LYS A 312 11.85 10.33 28.75
CA LYS A 312 13.21 10.63 28.34
C LYS A 312 13.26 11.54 27.09
N LEU A 313 12.12 11.83 26.47
CA LEU A 313 12.05 12.76 25.35
C LEU A 313 11.67 14.17 25.78
N LYS A 314 11.29 14.37 27.05
CA LYS A 314 10.71 15.65 27.46
C LYS A 314 11.68 16.81 27.25
N ASP A 315 12.87 16.73 27.86
CA ASP A 315 13.78 17.87 27.83
C ASP A 315 14.23 18.16 26.41
N ILE A 316 14.54 17.11 25.65
CA ILE A 316 14.96 17.25 24.26
C ILE A 316 13.90 18.04 23.49
N SER A 317 12.65 17.63 23.61
CA SER A 317 11.65 18.27 22.78
C SER A 317 11.29 19.66 23.31
N THR A 318 11.36 19.89 24.61
CA THR A 318 11.08 21.22 25.12
C THR A 318 12.14 22.19 24.63
N LYS A 319 13.41 21.80 24.68
CA LYS A 319 14.48 22.64 24.15
C LYS A 319 14.25 22.93 22.66
N PHE A 320 13.80 21.92 21.91
CA PHE A 320 13.53 22.08 20.47
C PHE A 320 12.43 23.10 20.23
N ILE A 321 11.40 23.09 21.09
CA ILE A 321 10.35 24.11 20.98
C ILE A 321 10.96 25.50 21.17
N CYS A 322 11.76 25.67 22.23
CA CYS A 322 12.39 26.98 22.47
C CYS A 322 13.17 27.42 21.24
N GLU A 323 13.86 26.49 20.61
CA GLU A 323 14.73 26.80 19.48
C GLU A 323 13.93 27.26 18.25
N MET A 324 12.87 26.52 17.91
CA MET A 324 12.09 26.84 16.74
C MET A 324 11.19 28.04 16.97
N TYR A 325 10.69 28.24 18.19
CA TYR A 325 9.99 29.49 18.52
C TYR A 325 10.89 30.69 18.19
N ASN A 326 12.14 30.63 18.63
CA ASN A 326 13.04 31.76 18.36
C ASN A 326 13.46 31.83 16.89
N TYR A 327 13.71 30.69 16.25
CA TYR A 327 14.17 30.69 14.87
C TYR A 327 13.11 31.16 13.91
N THR A 328 11.82 30.92 14.21
CA THR A 328 10.72 31.42 13.43
C THR A 328 10.23 32.77 13.94
N ASN A 329 10.94 33.37 14.90
CA ASN A 329 10.60 34.69 15.42
C ASN A 329 9.16 34.77 15.92
N LYS A 330 8.69 33.66 16.50
CA LYS A 330 7.39 33.54 17.16
C LYS A 330 6.22 33.65 16.18
N GLN A 331 6.45 33.46 14.90
CA GLN A 331 5.43 33.65 13.87
C GLN A 331 4.71 32.37 13.50
N ILE A 332 5.20 31.21 13.96
CA ILE A 332 4.61 29.92 13.58
C ILE A 332 4.11 29.20 14.83
N PRO A 333 2.80 29.03 14.98
CA PRO A 333 2.26 28.32 16.16
C PRO A 333 2.84 26.92 16.34
N ILE A 334 2.94 26.48 17.60
CA ILE A 334 3.62 25.24 17.95
C ILE A 334 2.67 24.31 18.65
N ILE A 335 2.64 23.08 18.18
CA ILE A 335 1.94 21.97 18.82
C ILE A 335 2.98 21.11 19.52
N ALA A 336 2.90 20.98 20.86
CA ALA A 336 3.93 20.28 21.62
C ALA A 336 3.66 18.77 21.70
N SER A 337 4.69 17.94 21.40
CA SER A 337 4.64 16.49 21.58
C SER A 337 5.98 16.06 22.16
N GLY A 338 5.95 15.31 23.25
CA GLY A 338 7.15 14.73 23.82
C GLY A 338 7.24 14.76 25.33
N GLY A 339 6.92 13.62 25.95
CA GLY A 339 7.14 13.44 27.37
C GLY A 339 6.25 14.28 28.27
N ILE A 340 5.07 14.67 27.80
CA ILE A 340 4.13 15.44 28.61
C ILE A 340 3.31 14.46 29.47
N PHE A 341 3.43 14.56 30.79
CA PHE A 341 2.70 13.68 31.70
C PHE A 341 1.89 14.44 32.74
N SER A 342 2.40 15.59 33.18
CA SER A 342 1.81 16.34 34.28
C SER A 342 1.45 17.75 33.84
N GLY A 343 0.63 18.41 34.64
CA GLY A 343 0.35 19.82 34.39
C GLY A 343 1.61 20.65 34.34
N LEU A 344 2.59 20.33 35.17
CA LEU A 344 3.85 21.05 35.11
C LEU A 344 4.52 20.85 33.75
N ASP A 345 4.63 19.61 33.31
CA ASP A 345 5.17 19.33 31.98
C ASP A 345 4.46 20.16 30.94
N ALA A 346 3.14 20.19 30.98
CA ALA A 346 2.37 20.93 29.98
C ALA A 346 2.69 22.42 30.03
N LEU A 347 2.81 22.99 31.24
CA LEU A 347 3.04 24.41 31.33
C LEU A 347 4.44 24.77 30.81
N GLU A 348 5.41 23.87 31.05
CA GLU A 348 6.75 24.07 30.51
C GLU A 348 6.72 24.13 28.99
N LYS A 349 5.93 23.26 28.33
CA LYS A 349 5.85 23.34 26.87
C LYS A 349 5.22 24.64 26.41
N ILE A 350 4.15 25.07 27.09
CA ILE A 350 3.45 26.31 26.70
C ILE A 350 4.34 27.51 26.91
N GLU A 351 4.96 27.61 28.09
CA GLU A 351 5.86 28.72 28.35
C GLU A 351 7.06 28.69 27.43
N ALA A 352 7.41 27.50 26.92
CA ALA A 352 8.49 27.42 25.93
C ALA A 352 8.07 27.92 24.54
N GLY A 353 6.76 28.00 24.27
CA GLY A 353 6.26 28.47 22.99
C GLY A 353 5.05 27.75 22.44
N ALA A 354 4.65 26.63 23.05
CA ALA A 354 3.57 25.82 22.50
C ALA A 354 2.22 26.48 22.78
N SER A 355 1.32 26.41 21.80
CA SER A 355 -0.08 26.77 22.01
C SER A 355 -0.95 25.64 22.51
N VAL A 356 -0.55 24.39 22.27
CA VAL A 356 -1.41 23.25 22.54
C VAL A 356 -0.50 22.05 22.69
N CYS A 357 -0.96 21.05 23.46
CA CYS A 357 -0.18 19.86 23.78
C CYS A 357 -0.83 18.59 23.23
N GLN A 358 0.00 17.64 22.81
CA GLN A 358 -0.45 16.30 22.43
C GLN A 358 0.12 15.28 23.40
N LEU A 359 -0.71 14.30 23.79
CA LEU A 359 -0.29 13.23 24.64
C LEU A 359 -0.25 11.91 23.86
N TYR A 360 0.70 11.06 24.22
CA TYR A 360 0.76 9.70 23.73
C TYR A 360 1.20 8.80 24.88
N SER A 361 2.49 8.90 25.27
CA SER A 361 2.97 8.08 26.39
C SER A 361 2.16 8.27 27.66
N CYS A 362 1.68 9.49 27.92
CA CYS A 362 0.88 9.70 29.14
C CYS A 362 -0.36 8.84 29.12
N LEU A 363 -0.99 8.67 27.95
CA LEU A 363 -2.18 7.83 27.87
C LEU A 363 -1.85 6.36 28.09
N VAL A 364 -0.66 5.93 27.63
CA VAL A 364 -0.23 4.54 27.86
C VAL A 364 0.02 4.27 29.33
N PHE A 365 0.75 5.17 30.02
CA PHE A 365 1.17 4.88 31.39
C PHE A 365 0.21 5.36 32.46
N ASN A 366 -0.64 6.33 32.16
CA ASN A 366 -1.66 6.80 33.11
C ASN A 366 -3.06 6.36 32.74
N GLY A 367 -3.30 6.01 31.49
CA GLY A 367 -4.56 5.33 31.16
C GLY A 367 -5.77 6.25 31.12
N MET A 368 -6.92 5.74 31.60
CA MET A 368 -8.19 6.36 31.28
C MET A 368 -8.30 7.76 31.88
N LYS A 369 -7.63 7.98 33.01
CA LYS A 369 -7.67 9.25 33.76
C LYS A 369 -6.75 10.33 33.20
N SER A 370 -6.05 10.06 32.08
CA SER A 370 -4.96 10.92 31.62
C SER A 370 -5.43 12.36 31.44
N ALA A 371 -6.51 12.56 30.70
CA ALA A 371 -6.93 13.92 30.40
C ALA A 371 -7.53 14.60 31.61
N VAL A 372 -8.40 13.92 32.34
CA VAL A 372 -8.99 14.51 33.54
C VAL A 372 -7.89 15.03 34.46
N GLN A 373 -6.91 14.16 34.74
CA GLN A 373 -5.88 14.51 35.71
C GLN A 373 -5.02 15.66 35.22
N ILE A 374 -4.55 15.60 33.97
CA ILE A 374 -3.64 16.64 33.52
C ILE A 374 -4.37 17.97 33.36
N LYS A 375 -5.64 17.96 32.99
CA LYS A 375 -6.37 19.21 32.92
C LYS A 375 -6.50 19.86 34.28
N ARG A 376 -6.82 19.04 35.30
CA ARG A 376 -6.91 19.53 36.67
C ARG A 376 -5.59 20.10 37.14
N GLU A 377 -4.49 19.41 36.85
CA GLU A 377 -3.18 19.86 37.30
C GLU A 377 -2.81 21.18 36.65
N LEU A 378 -3.11 21.34 35.35
CA LEU A 378 -2.76 22.58 34.63
C LEU A 378 -3.58 23.75 35.16
N ASN A 379 -4.88 23.55 35.41
CA ASN A 379 -5.71 24.64 35.92
C ASN A 379 -5.18 25.13 37.25
N HIS A 380 -4.86 24.20 38.16
CA HIS A 380 -4.34 24.61 39.46
C HIS A 380 -3.03 25.37 39.30
N LEU A 381 -2.18 24.94 38.38
CA LEU A 381 -0.92 25.63 38.17
C LEU A 381 -1.15 27.04 37.63
N LEU A 382 -2.09 27.18 36.69
CA LEU A 382 -2.38 28.52 36.17
C LEU A 382 -2.83 29.44 37.30
N TYR A 383 -3.66 28.91 38.22
CA TYR A 383 -4.02 29.62 39.46
C TYR A 383 -2.78 30.00 40.26
N GLN A 384 -1.95 29.01 40.61
CA GLN A 384 -0.82 29.28 41.49
C GLN A 384 0.15 30.27 40.87
N ARG A 385 0.38 30.15 39.56
CA ARG A 385 1.35 30.97 38.84
C ARG A 385 0.85 32.38 38.57
N GLY A 386 -0.44 32.65 38.79
CA GLY A 386 -0.97 33.98 38.64
C GLY A 386 -1.39 34.36 37.23
N TYR A 387 -1.54 33.39 36.31
CA TYR A 387 -2.03 33.66 34.97
C TYR A 387 -3.54 33.90 34.98
N TYR A 388 -4.00 34.85 34.17
CA TYR A 388 -5.44 34.99 33.98
C TYR A 388 -5.98 33.86 33.10
N ASN A 389 -5.27 33.54 32.02
CA ASN A 389 -5.63 32.39 31.21
C ASN A 389 -4.37 31.74 30.63
N LEU A 390 -4.60 30.62 29.95
CA LEU A 390 -3.50 29.88 29.34
C LEU A 390 -2.82 30.69 28.24
N LYS A 391 -3.58 31.41 27.44
CA LYS A 391 -2.96 32.14 26.32
C LYS A 391 -1.89 33.10 26.80
N GLU A 392 -2.07 33.67 28.00
CA GLU A 392 -1.10 34.60 28.58
C GLU A 392 0.25 33.92 28.82
N ALA A 393 0.25 32.60 29.04
CA ALA A 393 1.48 31.88 29.32
C ALA A 393 2.25 31.49 28.07
N ILE A 394 1.64 31.57 26.90
CA ILE A 394 2.33 31.05 25.72
C ILE A 394 3.62 31.82 25.50
N GLY A 395 4.74 31.11 25.50
CA GLY A 395 6.01 31.73 25.20
C GLY A 395 6.56 32.60 26.31
N ARG A 396 5.98 32.57 27.50
CA ARG A 396 6.44 33.48 28.55
C ARG A 396 7.86 33.18 28.99
N LYS A 397 8.36 31.97 28.77
CA LYS A 397 9.76 31.70 29.08
C LYS A 397 10.70 32.67 28.37
N HIS A 398 10.27 33.24 27.25
CA HIS A 398 11.18 34.04 26.42
C HIS A 398 11.03 35.54 26.66
N HIS B 6 7.66 -14.70 -46.52
CA HIS B 6 8.13 -14.18 -45.20
C HIS B 6 9.60 -14.51 -44.95
N HIS B 7 10.44 -14.01 -45.86
CA HIS B 7 11.89 -14.15 -45.76
C HIS B 7 12.42 -13.12 -44.76
N HIS B 8 12.83 -13.62 -43.58
CA HIS B 8 13.39 -12.83 -42.48
C HIS B 8 14.40 -11.77 -42.91
N ALA B 9 15.18 -12.03 -43.96
CA ALA B 9 16.30 -11.17 -44.30
C ALA B 9 15.89 -9.74 -44.68
N GLU B 10 14.64 -9.52 -45.11
CA GLU B 10 14.17 -8.17 -45.40
C GLU B 10 14.18 -7.31 -44.14
N ASN B 11 13.74 -7.86 -43.01
CA ASN B 11 13.80 -7.14 -41.73
C ASN B 11 15.25 -7.07 -41.23
N GLU B 21 20.21 -17.99 -40.01
CA GLU B 21 19.17 -18.51 -40.89
C GLU B 21 18.04 -19.17 -40.05
N SER B 22 18.11 -20.50 -39.79
CA SER B 22 17.03 -21.22 -39.14
C SER B 22 16.77 -20.77 -37.71
N TYR B 23 17.74 -20.14 -37.07
CA TYR B 23 17.56 -19.70 -35.69
C TYR B 23 16.93 -18.33 -35.61
N ASN B 24 16.60 -17.71 -36.74
CA ASN B 24 15.84 -16.47 -36.75
C ASN B 24 14.35 -16.75 -36.51
N PRO B 25 13.71 -16.11 -35.52
CA PRO B 25 12.27 -16.37 -35.31
C PRO B 25 11.38 -16.05 -36.51
N GLU B 26 11.86 -15.26 -37.47
CA GLU B 26 11.06 -14.93 -38.65
C GLU B 26 11.42 -15.79 -39.85
N PHE B 27 12.38 -16.71 -39.72
CA PHE B 27 12.72 -17.66 -40.77
C PHE B 27 11.45 -18.22 -41.40
N PHE B 28 11.40 -18.19 -42.74
CA PHE B 28 10.12 -18.27 -43.42
C PHE B 28 9.43 -19.61 -43.20
N LEU B 29 10.18 -20.67 -42.93
CA LEU B 29 9.55 -21.97 -42.75
C LEU B 29 8.63 -22.03 -41.52
N TYR B 30 8.90 -21.21 -40.50
CA TYR B 30 8.12 -21.36 -39.26
C TYR B 30 6.64 -21.10 -39.53
N ASP B 31 6.33 -20.04 -40.29
CA ASP B 31 4.93 -19.72 -40.60
C ASP B 31 4.27 -20.85 -41.38
N ILE B 32 5.02 -21.48 -42.28
CA ILE B 32 4.45 -22.55 -43.09
C ILE B 32 4.14 -23.75 -42.23
N PHE B 33 5.10 -24.17 -41.40
CA PHE B 33 4.85 -25.22 -40.43
C PHE B 33 3.64 -24.87 -39.53
N LEU B 34 3.58 -23.64 -39.04
CA LEU B 34 2.49 -23.27 -38.13
C LEU B 34 1.13 -23.29 -38.82
N LYS B 35 1.04 -22.78 -40.04
CA LYS B 35 -0.24 -22.82 -40.75
C LYS B 35 -0.74 -24.27 -40.87
N PHE B 36 0.17 -25.20 -41.15
CA PHE B 36 -0.20 -26.60 -41.29
C PHE B 36 -0.64 -27.18 -39.95
N CYS B 37 0.09 -26.88 -38.88
CA CYS B 37 -0.30 -27.36 -37.55
C CYS B 37 -1.70 -26.89 -37.17
N LEU B 38 -1.97 -25.59 -37.39
CA LEU B 38 -3.26 -25.04 -36.99
C LEU B 38 -4.39 -25.69 -37.78
N LYS B 39 -4.10 -26.17 -38.97
CA LYS B 39 -5.14 -26.77 -39.80
C LYS B 39 -5.40 -28.22 -39.42
N TYR B 40 -4.35 -29.00 -39.15
CA TYR B 40 -4.41 -30.46 -39.18
C TYR B 40 -4.04 -31.16 -37.88
N ILE B 41 -3.29 -30.52 -36.97
CA ILE B 41 -2.72 -31.21 -35.82
C ILE B 41 -3.42 -30.74 -34.56
N ASP B 42 -3.79 -31.68 -33.70
CA ASP B 42 -4.45 -31.39 -32.43
C ASP B 42 -3.67 -30.32 -31.66
N GLY B 43 -4.39 -29.49 -30.93
CA GLY B 43 -3.76 -28.34 -30.26
C GLY B 43 -2.78 -28.76 -29.18
N GLU B 44 -3.17 -29.73 -28.37
CA GLU B 44 -2.29 -30.14 -27.29
C GLU B 44 -1.06 -30.86 -27.83
N ILE B 45 -1.20 -31.51 -29.00
CA ILE B 45 -0.05 -32.12 -29.65
C ILE B 45 0.90 -31.04 -30.18
N CYS B 46 0.36 -30.00 -30.84
CA CYS B 46 1.20 -28.86 -31.22
C CYS B 46 1.96 -28.30 -30.02
N HIS B 47 1.30 -28.23 -28.86
CA HIS B 47 1.92 -27.60 -27.71
C HIS B 47 3.05 -28.47 -27.15
N ASP B 48 2.80 -29.80 -27.04
CA ASP B 48 3.84 -30.77 -26.72
C ASP B 48 5.03 -30.66 -27.65
N LEU B 49 4.79 -30.48 -28.95
CA LEU B 49 5.92 -30.36 -29.89
C LEU B 49 6.72 -29.09 -29.64
N PHE B 50 6.02 -27.98 -29.40
CA PHE B 50 6.70 -26.73 -29.03
C PHE B 50 7.60 -26.93 -27.80
N LEU B 51 7.06 -27.57 -26.75
CA LEU B 51 7.83 -27.74 -25.53
C LEU B 51 9.01 -28.67 -25.73
N LEU B 52 8.84 -29.66 -26.59
CA LEU B 52 9.92 -30.57 -26.94
C LEU B 52 11.04 -29.86 -27.70
N LEU B 53 10.69 -29.00 -28.66
CA LEU B 53 11.69 -28.14 -29.28
C LEU B 53 12.42 -27.30 -28.24
N GLY B 54 11.69 -26.66 -27.33
CA GLY B 54 12.32 -25.81 -26.32
C GLY B 54 13.17 -26.60 -25.35
N LYS B 55 12.71 -27.83 -25.01
CA LYS B 55 13.44 -28.66 -24.07
C LYS B 55 14.82 -28.99 -24.63
N TYR B 56 14.92 -29.25 -25.92
CA TYR B 56 16.19 -29.54 -26.57
C TYR B 56 16.87 -28.28 -27.12
N ASN B 57 16.41 -27.10 -26.69
CA ASN B 57 16.98 -25.79 -27.08
C ASN B 57 17.11 -25.65 -28.59
N ILE B 58 16.14 -26.20 -29.33
CA ILE B 58 16.10 -26.13 -30.77
C ILE B 58 15.21 -25.00 -31.27
N LEU B 59 14.68 -24.17 -30.36
CA LEU B 59 13.80 -23.11 -30.84
C LEU B 59 14.66 -21.96 -31.38
N PRO B 60 14.12 -21.16 -32.30
CA PRO B 60 14.84 -19.97 -32.75
C PRO B 60 14.99 -19.00 -31.60
N TYR B 61 15.80 -17.96 -31.79
CA TYR B 61 16.02 -17.00 -30.73
C TYR B 61 16.32 -15.61 -31.27
N ASP B 62 15.97 -14.62 -30.49
CA ASP B 62 16.30 -13.22 -30.78
C ASP B 62 16.90 -12.69 -29.47
N THR B 63 18.22 -12.67 -29.38
CA THR B 63 18.92 -12.16 -28.20
C THR B 63 19.46 -10.74 -28.42
N SER B 64 19.02 -10.07 -29.50
CA SER B 64 19.33 -8.67 -29.75
C SER B 64 18.84 -7.78 -28.62
N ASN B 65 19.29 -6.52 -28.65
CA ASN B 65 18.93 -5.56 -27.60
C ASN B 65 17.58 -4.94 -27.90
N ASP B 66 16.75 -4.87 -26.88
CA ASP B 66 15.49 -4.18 -26.99
C ASP B 66 15.70 -2.68 -26.77
N SER B 67 14.80 -1.89 -27.33
CA SER B 67 14.79 -0.44 -27.16
C SER B 67 14.66 -0.04 -25.70
N ILE B 68 15.55 0.82 -25.21
CA ILE B 68 15.42 1.28 -23.84
C ILE B 68 14.19 2.13 -23.63
N TYR B 69 13.56 2.63 -24.71
CA TYR B 69 12.37 3.47 -24.60
C TYR B 69 11.08 2.67 -24.51
N ALA B 70 11.17 1.34 -24.51
CA ALA B 70 10.01 0.51 -24.26
C ALA B 70 10.20 -0.36 -23.04
N CYS B 71 11.20 -0.08 -22.21
CA CYS B 71 11.26 -0.81 -20.95
CA CYS B 71 11.31 -0.74 -20.92
C CYS B 71 10.11 -0.36 -20.05
N THR B 72 9.89 -1.10 -18.99
CA THR B 72 8.77 -0.78 -18.10
C THR B 72 9.05 -1.44 -16.76
N ASN B 73 8.29 -1.05 -15.75
CA ASN B 73 8.55 -1.56 -14.41
C ASN B 73 7.25 -1.67 -13.63
N ILE B 74 7.23 -2.61 -12.69
CA ILE B 74 6.21 -2.66 -11.65
C ILE B 74 6.97 -2.72 -10.35
N LYS B 75 6.88 -1.66 -9.54
CA LYS B 75 7.74 -1.55 -8.35
C LYS B 75 9.19 -1.77 -8.82
N HIS B 76 9.98 -2.63 -8.16
CA HIS B 76 11.38 -2.84 -8.50
C HIS B 76 11.57 -3.85 -9.63
N LEU B 77 10.49 -4.39 -10.17
CA LEU B 77 10.56 -5.31 -11.29
C LEU B 77 10.87 -4.51 -12.55
N ASP B 78 12.07 -4.63 -13.07
CA ASP B 78 12.46 -3.93 -14.28
C ASP B 78 12.37 -4.86 -15.49
N PHE B 79 11.31 -4.68 -16.28
CA PHE B 79 11.13 -5.45 -17.50
C PHE B 79 11.94 -4.85 -18.66
N ILE B 80 12.76 -5.68 -19.33
CA ILE B 80 13.59 -5.17 -20.42
C ILE B 80 12.76 -4.77 -21.63
N ASN B 81 11.56 -5.31 -21.74
CA ASN B 81 10.59 -4.94 -22.77
C ASN B 81 9.23 -5.29 -22.21
N PRO B 82 8.16 -4.84 -22.85
CA PRO B 82 6.86 -4.93 -22.16
C PRO B 82 6.04 -6.17 -22.45
N PHE B 83 6.66 -7.21 -22.98
CA PHE B 83 5.96 -8.43 -23.35
C PHE B 83 6.49 -9.67 -22.66
N GLY B 84 5.60 -10.35 -21.93
CA GLY B 84 5.88 -11.65 -21.34
C GLY B 84 4.87 -12.69 -21.83
N VAL B 85 5.13 -13.92 -21.43
CA VAL B 85 4.23 -15.04 -21.69
C VAL B 85 3.38 -15.28 -20.45
N ALA B 86 2.07 -15.32 -20.67
CA ALA B 86 1.09 -15.53 -19.60
C ALA B 86 1.12 -16.94 -19.02
N ALA B 87 0.47 -17.06 -17.87
CA ALA B 87 0.36 -18.37 -17.21
C ALA B 87 -0.35 -19.40 -18.09
N GLY B 88 -0.06 -20.68 -17.81
CA GLY B 88 -0.65 -21.79 -18.51
C GLY B 88 0.06 -22.17 -19.81
N PHE B 89 1.07 -21.44 -20.23
CA PHE B 89 1.80 -21.79 -21.45
C PHE B 89 2.89 -22.82 -21.11
N ASP B 90 3.78 -22.48 -20.19
CA ASP B 90 4.74 -23.43 -19.62
C ASP B 90 4.30 -23.71 -18.17
N LYS B 91 3.34 -24.62 -18.02
CA LYS B 91 2.77 -24.90 -16.71
C LYS B 91 3.81 -25.45 -15.75
N ASN B 92 4.74 -26.26 -16.25
CA ASN B 92 5.70 -26.95 -15.43
C ASN B 92 7.09 -26.33 -15.43
N GLY B 93 7.26 -25.18 -16.06
CA GLY B 93 8.58 -24.54 -16.12
C GLY B 93 9.68 -25.39 -16.72
N VAL B 94 9.39 -26.13 -17.80
CA VAL B 94 10.36 -26.99 -18.48
C VAL B 94 10.96 -26.33 -19.70
N CYS B 95 10.54 -25.11 -20.03
CA CYS B 95 10.90 -24.49 -21.30
C CYS B 95 11.17 -23.02 -21.13
N ILE B 96 11.62 -22.64 -19.92
CA ILE B 96 11.71 -21.21 -19.54
C ILE B 96 12.72 -20.49 -20.44
N ASP B 97 13.96 -20.99 -20.48
CA ASP B 97 15.03 -20.35 -21.25
C ASP B 97 14.62 -20.12 -22.70
N SER B 98 14.10 -21.18 -23.36
CA SER B 98 13.85 -21.10 -24.78
C SER B 98 12.70 -20.16 -25.08
N ILE B 99 11.67 -20.14 -24.23
CA ILE B 99 10.57 -19.21 -24.48
C ILE B 99 11.05 -17.77 -24.28
N LEU B 100 11.77 -17.52 -23.21
CA LEU B 100 12.29 -16.17 -23.00
C LEU B 100 13.10 -15.72 -24.20
N LYS B 101 13.94 -16.61 -24.71
CA LYS B 101 14.88 -16.25 -25.77
C LYS B 101 14.21 -16.02 -27.12
N LEU B 102 12.92 -16.29 -27.24
CA LEU B 102 12.20 -15.79 -28.41
C LEU B 102 12.10 -14.28 -28.41
N GLY B 103 12.34 -13.63 -27.25
CA GLY B 103 12.32 -12.17 -27.19
C GLY B 103 11.43 -11.58 -26.11
N PHE B 104 10.91 -12.44 -25.23
CA PHE B 104 10.04 -12.02 -24.12
C PHE B 104 10.89 -11.57 -22.96
N SER B 105 10.34 -10.62 -22.17
CA SER B 105 11.02 -10.08 -21.01
C SER B 105 10.75 -10.93 -19.77
N PHE B 106 9.65 -11.68 -19.76
CA PHE B 106 9.29 -12.49 -18.61
C PHE B 106 8.34 -13.60 -18.99
N ILE B 107 8.18 -14.55 -18.07
CA ILE B 107 7.21 -15.64 -18.20
C ILE B 107 6.62 -15.89 -16.83
N GLU B 108 5.33 -16.20 -16.81
CA GLU B 108 4.61 -16.64 -15.61
C GLU B 108 4.39 -18.14 -15.75
N ILE B 109 5.13 -18.94 -14.98
CA ILE B 109 4.95 -20.39 -15.06
C ILE B 109 3.79 -20.78 -14.16
N GLY B 110 3.33 -22.02 -14.27
CA GLY B 110 2.12 -22.47 -13.61
C GLY B 110 0.93 -22.22 -14.50
N THR B 111 -0.26 -22.25 -13.90
CA THR B 111 -0.51 -22.41 -12.46
C THR B 111 -0.14 -23.76 -11.93
N ILE B 112 0.58 -23.76 -10.82
CA ILE B 112 0.95 -24.98 -10.13
C ILE B 112 0.02 -25.19 -8.94
N THR B 113 -0.10 -26.45 -8.53
CA THR B 113 -0.79 -26.84 -7.32
C THR B 113 0.13 -27.70 -6.46
N PRO B 114 -0.16 -27.82 -5.16
CA PRO B 114 0.77 -28.60 -4.30
C PRO B 114 1.07 -30.00 -4.81
N ARG B 115 0.05 -30.80 -5.08
CA ARG B 115 0.20 -32.12 -5.68
C ARG B 115 0.01 -31.99 -7.19
N GLY B 116 0.64 -32.89 -7.96
CA GLY B 116 0.36 -32.96 -9.38
C GLY B 116 -1.10 -33.30 -9.67
N GLN B 117 -1.54 -32.93 -10.87
CA GLN B 117 -2.87 -33.24 -11.40
C GLN B 117 -2.74 -33.43 -12.89
N THR B 118 -3.46 -34.41 -13.43
CA THR B 118 -3.51 -34.56 -14.88
C THR B 118 -4.52 -33.64 -15.54
N GLY B 119 -5.41 -33.04 -14.77
CA GLY B 119 -6.38 -32.11 -15.33
C GLY B 119 -7.63 -32.81 -15.81
N ASN B 120 -8.51 -32.00 -16.38
CA ASN B 120 -9.80 -32.51 -16.82
C ASN B 120 -9.62 -33.41 -18.04
N ALA B 121 -10.67 -34.14 -18.37
CA ALA B 121 -10.61 -35.07 -19.48
C ALA B 121 -10.51 -34.35 -20.82
N LYS B 122 -9.67 -34.91 -21.70
CA LYS B 122 -9.56 -34.45 -23.07
C LYS B 122 -10.76 -34.91 -23.88
N PRO B 123 -10.95 -34.35 -25.08
CA PRO B 123 -10.23 -33.17 -25.57
C PRO B 123 -10.70 -31.96 -24.81
N ARG B 124 -9.80 -31.05 -24.50
CA ARG B 124 -10.11 -29.96 -23.59
C ARG B 124 -9.56 -28.63 -24.07
N ILE B 125 -8.99 -28.58 -25.27
CA ILE B 125 -8.41 -27.35 -25.81
C ILE B 125 -8.74 -27.32 -27.30
N PHE B 126 -9.29 -26.19 -27.76
CA PHE B 126 -9.67 -26.02 -29.14
C PHE B 126 -9.41 -24.61 -29.63
N ARG B 127 -8.94 -24.50 -30.86
CA ARG B 127 -8.59 -23.23 -31.45
C ARG B 127 -9.54 -22.92 -32.59
N ASP B 128 -9.75 -21.62 -32.81
CA ASP B 128 -10.49 -21.13 -33.96
C ASP B 128 -9.64 -20.07 -34.64
N VAL B 129 -9.05 -20.43 -35.79
CA VAL B 129 -8.08 -19.55 -36.44
C VAL B 129 -8.74 -18.29 -36.95
N GLU B 130 -9.98 -18.42 -37.44
CA GLU B 130 -10.64 -17.30 -38.09
C GLU B 130 -10.82 -16.15 -37.12
N SER B 131 -11.29 -16.46 -35.91
CA SER B 131 -11.51 -15.47 -34.86
C SER B 131 -10.31 -15.30 -33.94
N ARG B 132 -9.20 -15.99 -34.21
CA ARG B 132 -8.00 -15.96 -33.37
C ARG B 132 -8.38 -16.17 -31.90
N SER B 133 -9.10 -17.28 -31.64
CA SER B 133 -9.64 -17.53 -30.31
C SER B 133 -9.33 -18.96 -29.90
N ILE B 134 -9.28 -19.18 -28.59
CA ILE B 134 -9.04 -20.48 -27.99
C ILE B 134 -10.09 -20.66 -26.91
N ILE B 135 -10.49 -21.91 -26.68
CA ILE B 135 -11.30 -22.28 -25.53
C ILE B 135 -10.64 -23.47 -24.85
N ASN B 136 -10.64 -23.49 -23.51
CA ASN B 136 -9.96 -24.57 -22.83
C ASN B 136 -10.66 -24.90 -21.52
N SER B 137 -10.59 -26.17 -21.14
CA SER B 137 -10.92 -26.61 -19.80
C SER B 137 -9.82 -27.53 -19.28
N CYS B 138 -8.58 -27.03 -19.21
CA CYS B 138 -7.47 -27.91 -18.84
C CYS B 138 -7.65 -28.44 -17.44
N GLY B 139 -7.99 -27.58 -16.50
CA GLY B 139 -8.12 -27.99 -15.11
C GLY B 139 -6.82 -28.09 -14.31
N PHE B 140 -5.92 -27.15 -14.50
CA PHE B 140 -4.67 -27.07 -13.73
C PHE B 140 -3.87 -28.35 -13.85
N ASN B 141 -3.62 -28.79 -15.09
CA ASN B 141 -2.72 -29.90 -15.29
C ASN B 141 -1.30 -29.42 -14.99
N ASN B 142 -0.64 -30.05 -14.04
CA ASN B 142 0.75 -29.72 -13.72
C ASN B 142 1.34 -30.89 -12.95
N MET B 143 2.67 -30.89 -12.87
CA MET B 143 3.39 -31.96 -12.20
C MET B 143 3.49 -31.77 -10.70
N GLY B 144 2.93 -30.67 -10.21
CA GLY B 144 2.91 -30.39 -8.79
C GLY B 144 4.06 -29.46 -8.39
N CYS B 145 3.84 -28.76 -7.28
CA CYS B 145 4.78 -27.71 -6.86
C CYS B 145 6.21 -28.25 -6.67
N ASP B 146 6.35 -29.42 -6.11
CA ASP B 146 7.70 -29.90 -5.77
C ASP B 146 8.54 -30.13 -7.02
N LYS B 147 7.97 -30.79 -8.03
CA LYS B 147 8.73 -31.00 -9.27
C LYS B 147 8.97 -29.69 -10.02
N VAL B 148 7.95 -28.83 -10.12
CA VAL B 148 8.11 -27.58 -10.82
C VAL B 148 9.14 -26.71 -10.13
N THR B 149 9.23 -26.78 -8.82
CA THR B 149 10.29 -26.08 -8.11
C THR B 149 11.65 -26.59 -8.55
N GLU B 150 11.78 -27.90 -8.75
CA GLU B 150 13.07 -28.45 -9.19
C GLU B 150 13.41 -27.93 -10.58
N ASN B 151 12.40 -27.80 -11.45
CA ASN B 151 12.63 -27.26 -12.78
C ASN B 151 13.11 -25.81 -12.71
N LEU B 152 12.48 -25.01 -11.86
CA LEU B 152 12.80 -23.61 -11.77
C LEU B 152 14.18 -23.40 -11.17
N ILE B 153 14.57 -24.26 -10.23
CA ILE B 153 15.90 -24.19 -9.63
C ILE B 153 16.96 -24.40 -10.71
N LEU B 154 16.74 -25.38 -11.62
CA LEU B 154 17.67 -25.60 -12.73
C LEU B 154 17.78 -24.36 -13.60
N PHE B 155 16.65 -23.69 -13.87
CA PHE B 155 16.73 -22.44 -14.59
C PHE B 155 17.53 -21.40 -13.81
N ARG B 156 17.24 -21.23 -12.52
CA ARG B 156 17.95 -20.22 -11.74
C ARG B 156 19.46 -20.49 -11.69
N LYS B 157 19.85 -21.78 -11.67
CA LYS B 157 21.27 -22.10 -11.72
C LYS B 157 21.87 -21.73 -13.06
N ARG B 158 21.17 -22.04 -14.17
CA ARG B 158 21.69 -21.63 -15.47
C ARG B 158 21.77 -20.12 -15.58
N GLN B 159 20.74 -19.42 -15.10
CA GLN B 159 20.72 -17.96 -15.14
C GLN B 159 21.92 -17.39 -14.41
N GLU B 160 22.23 -17.92 -13.22
CA GLU B 160 23.40 -17.48 -12.46
C GLU B 160 24.70 -17.64 -13.24
N GLU B 161 24.70 -18.45 -14.32
CA GLU B 161 25.87 -18.66 -15.18
C GLU B 161 25.74 -18.08 -16.58
N ASP B 162 24.56 -17.66 -17.01
CA ASP B 162 24.35 -17.10 -18.34
C ASP B 162 24.01 -15.62 -18.18
N LYS B 163 25.02 -14.78 -18.38
CA LYS B 163 24.84 -13.33 -18.39
C LYS B 163 23.62 -12.90 -19.18
N LEU B 164 23.30 -13.65 -20.24
CA LEU B 164 22.27 -13.23 -21.18
C LEU B 164 20.84 -13.37 -20.65
N LEU B 165 20.62 -14.05 -19.52
CA LEU B 165 19.28 -14.17 -18.95
C LEU B 165 19.14 -13.47 -17.61
N SER B 166 20.14 -12.70 -17.19
CA SER B 166 20.19 -12.19 -15.84
C SER B 166 19.12 -11.15 -15.55
N LYS B 167 18.59 -10.46 -16.57
CA LYS B 167 17.53 -9.47 -16.36
C LYS B 167 16.13 -9.99 -16.66
N HIS B 168 16.01 -11.20 -17.19
CA HIS B 168 14.70 -11.79 -17.48
C HIS B 168 14.00 -12.19 -16.18
N ILE B 169 12.68 -12.06 -16.16
CA ILE B 169 11.88 -12.25 -14.94
C ILE B 169 11.04 -13.53 -15.03
N VAL B 170 10.89 -14.23 -13.92
CA VAL B 170 10.02 -15.40 -13.85
C VAL B 170 9.08 -15.25 -12.68
N GLY B 171 7.78 -15.20 -12.97
CA GLY B 171 6.78 -15.23 -11.93
C GLY B 171 6.20 -16.63 -11.86
N VAL B 172 5.53 -16.92 -10.75
CA VAL B 172 4.89 -18.22 -10.55
C VAL B 172 3.42 -18.02 -10.17
N SER B 173 2.54 -18.65 -10.94
CA SER B 173 1.12 -18.66 -10.62
C SER B 173 0.80 -19.88 -9.76
N ILE B 174 0.07 -19.65 -8.68
CA ILE B 174 -0.19 -20.68 -7.68
C ILE B 174 -1.69 -20.79 -7.49
N GLY B 175 -2.14 -22.01 -7.23
CA GLY B 175 -3.56 -22.27 -7.04
C GLY B 175 -3.78 -23.52 -6.20
N LYS B 176 -4.99 -24.05 -6.19
CA LYS B 176 -5.28 -25.17 -5.31
C LYS B 176 -5.59 -26.42 -6.11
N ASN B 177 -5.27 -27.58 -5.50
CA ASN B 177 -5.69 -28.86 -6.01
C ASN B 177 -7.22 -28.95 -6.02
N LYS B 178 -7.74 -29.73 -6.94
CA LYS B 178 -9.20 -29.74 -7.10
C LYS B 178 -9.92 -30.14 -5.82
N ASP B 179 -9.38 -31.11 -5.07
CA ASP B 179 -10.09 -31.60 -3.90
C ASP B 179 -9.72 -30.90 -2.61
N THR B 180 -8.89 -29.87 -2.67
CA THR B 180 -8.56 -29.13 -1.45
C THR B 180 -9.75 -28.28 -1.00
N VAL B 181 -10.01 -28.32 0.32
CA VAL B 181 -11.13 -27.56 0.87
C VAL B 181 -10.76 -26.09 1.08
N ASN B 182 -9.64 -25.80 1.77
CA ASN B 182 -9.23 -24.44 2.08
CA ASN B 182 -9.23 -24.43 2.07
C ASN B 182 -8.09 -24.04 1.14
N ILE B 183 -8.38 -23.17 0.18
CA ILE B 183 -7.37 -22.74 -0.79
C ILE B 183 -6.09 -22.27 -0.10
N VAL B 184 -6.21 -21.67 1.10
CA VAL B 184 -5.08 -20.96 1.68
C VAL B 184 -3.98 -21.94 2.04
N ASP B 185 -4.36 -23.15 2.48
CA ASP B 185 -3.39 -24.19 2.75
C ASP B 185 -2.52 -24.49 1.54
N ASP B 186 -3.15 -24.61 0.37
CA ASP B 186 -2.39 -24.91 -0.84
C ASP B 186 -1.53 -23.73 -1.28
N LEU B 187 -2.03 -22.52 -1.13
CA LEU B 187 -1.23 -21.34 -1.44
C LEU B 187 0.01 -21.27 -0.55
N LYS B 188 -0.15 -21.49 0.76
CA LYS B 188 1.00 -21.45 1.66
C LYS B 188 2.00 -22.53 1.30
N TYR B 189 1.52 -23.70 0.90
CA TYR B 189 2.45 -24.78 0.57
C TYR B 189 3.33 -24.35 -0.58
N CYS B 190 2.72 -23.81 -1.63
CA CYS B 190 3.51 -23.40 -2.77
C CYS B 190 4.49 -22.28 -2.39
N ILE B 191 4.06 -21.32 -1.58
CA ILE B 191 4.94 -20.23 -1.17
C ILE B 191 6.17 -20.78 -0.44
N ASN B 192 5.97 -21.76 0.49
CA ASN B 192 7.11 -22.24 1.24
C ASN B 192 8.08 -23.06 0.39
N LYS B 193 7.63 -23.60 -0.73
CA LYS B 193 8.51 -24.40 -1.58
C LYS B 193 9.15 -23.61 -2.71
N ILE B 194 8.36 -22.83 -3.46
CA ILE B 194 8.86 -22.16 -4.66
C ILE B 194 9.06 -20.66 -4.50
N GLY B 195 8.56 -20.04 -3.42
CA GLY B 195 8.55 -18.57 -3.35
C GLY B 195 9.95 -17.95 -3.40
N ARG B 196 10.94 -18.66 -2.82
CA ARG B 196 12.30 -18.16 -2.81
C ARG B 196 12.89 -17.97 -4.22
N TYR B 197 12.35 -18.65 -5.24
CA TYR B 197 12.86 -18.65 -6.59
C TYR B 197 12.02 -17.83 -7.55
N ALA B 198 10.97 -17.16 -7.04
CA ALA B 198 10.03 -16.40 -7.85
C ALA B 198 10.30 -14.91 -7.73
N ASP B 199 10.22 -14.19 -8.88
CA ASP B 199 10.27 -12.74 -8.85
C ASP B 199 8.94 -12.15 -8.42
N TYR B 200 7.86 -12.87 -8.68
CA TYR B 200 6.55 -12.53 -8.18
C TYR B 200 5.71 -13.80 -8.13
N ILE B 201 4.67 -13.75 -7.31
CA ILE B 201 3.67 -14.78 -7.17
C ILE B 201 2.36 -14.22 -7.68
N ALA B 202 1.71 -14.95 -8.58
CA ALA B 202 0.35 -14.64 -9.02
C ALA B 202 -0.61 -15.59 -8.35
N ILE B 203 -1.60 -15.02 -7.66
CA ILE B 203 -2.62 -15.77 -6.96
C ILE B 203 -3.76 -15.92 -7.96
N ASN B 204 -4.00 -17.16 -8.36
CA ASN B 204 -5.04 -17.46 -9.32
C ASN B 204 -6.32 -17.81 -8.58
N VAL B 205 -7.22 -16.83 -8.48
CA VAL B 205 -8.57 -17.04 -8.00
C VAL B 205 -9.60 -16.89 -9.12
N SER B 206 -9.16 -17.09 -10.39
CA SER B 206 -10.01 -16.79 -11.53
C SER B 206 -10.07 -17.88 -12.59
N SER B 207 -9.36 -18.99 -12.45
CA SER B 207 -9.54 -20.06 -13.43
C SER B 207 -11.02 -20.47 -13.49
N PRO B 208 -11.62 -20.59 -14.67
CA PRO B 208 -13.01 -21.04 -14.74
C PRO B 208 -13.17 -22.55 -14.67
N ASN B 209 -12.07 -23.31 -14.56
CA ASN B 209 -12.07 -24.76 -14.77
C ASN B 209 -11.67 -25.53 -13.51
N THR B 210 -11.76 -24.88 -12.35
CA THR B 210 -11.66 -25.56 -11.05
C THR B 210 -12.92 -25.15 -10.30
N PRO B 211 -13.88 -26.07 -10.11
CA PRO B 211 -15.14 -25.68 -9.46
C PRO B 211 -14.90 -24.87 -8.19
N GLY B 212 -15.65 -23.78 -8.05
CA GLY B 212 -15.63 -22.97 -6.85
C GLY B 212 -14.43 -22.05 -6.68
N LEU B 213 -13.45 -22.10 -7.60
CA LEU B 213 -12.27 -21.26 -7.45
C LEU B 213 -12.62 -19.78 -7.52
N ARG B 214 -13.54 -19.41 -8.42
CA ARG B 214 -13.85 -18.00 -8.66
C ARG B 214 -14.58 -17.34 -7.50
N ASP B 215 -15.27 -18.15 -6.68
CA ASP B 215 -15.96 -17.62 -5.50
C ASP B 215 -15.02 -16.88 -4.57
N ASN B 216 -13.72 -17.19 -4.63
CA ASN B 216 -12.71 -16.57 -3.78
C ASN B 216 -12.38 -15.15 -4.17
N GLN B 217 -13.02 -14.64 -5.22
CA GLN B 217 -12.97 -13.22 -5.57
C GLN B 217 -13.89 -12.39 -4.69
N GLU B 218 -14.71 -13.03 -3.88
CA GLU B 218 -15.51 -12.32 -2.90
C GLU B 218 -14.58 -11.58 -1.94
N ALA B 219 -14.92 -10.33 -1.63
CA ALA B 219 -13.99 -9.40 -0.95
C ALA B 219 -13.47 -9.96 0.37
N GLY B 220 -14.35 -10.53 1.20
CA GLY B 220 -13.93 -11.06 2.48
C GLY B 220 -12.92 -12.19 2.33
N LYS B 221 -13.24 -13.16 1.45
CA LYS B 221 -12.32 -14.28 1.23
C LYS B 221 -11.03 -13.80 0.58
N LEU B 222 -11.12 -12.89 -0.39
CA LEU B 222 -9.93 -12.43 -1.08
C LEU B 222 -8.99 -11.73 -0.12
N LYS B 223 -9.53 -10.89 0.76
CA LYS B 223 -8.69 -10.15 1.71
C LYS B 223 -7.89 -11.10 2.58
N ASN B 224 -8.56 -12.13 3.12
CA ASN B 224 -7.85 -13.12 3.93
C ASN B 224 -6.82 -13.88 3.10
N ILE B 225 -7.16 -14.21 1.85
CA ILE B 225 -6.19 -14.89 0.98
C ILE B 225 -4.96 -14.02 0.79
N ILE B 226 -5.15 -12.74 0.46
CA ILE B 226 -4.01 -11.89 0.19
C ILE B 226 -3.17 -11.73 1.44
N LEU B 227 -3.80 -11.47 2.57
CA LEU B 227 -3.02 -11.22 3.78
C LEU B 227 -2.27 -12.49 4.22
N SER B 228 -2.88 -13.67 4.04
CA SER B 228 -2.21 -14.93 4.37
C SER B 228 -1.03 -15.15 3.47
N VAL B 229 -1.18 -14.84 2.18
CA VAL B 229 -0.12 -15.07 1.22
C VAL B 229 1.05 -14.13 1.51
N LYS B 230 0.75 -12.85 1.75
CA LYS B 230 1.79 -11.90 2.09
C LYS B 230 2.50 -12.27 3.40
N GLU B 231 1.73 -12.67 4.40
CA GLU B 231 2.34 -13.09 5.66
C GLU B 231 3.26 -14.27 5.45
N GLU B 232 2.84 -15.24 4.64
CA GLU B 232 3.67 -16.41 4.41
C GLU B 232 4.96 -16.05 3.70
N ILE B 233 4.87 -15.14 2.70
CA ILE B 233 6.07 -14.66 2.00
C ILE B 233 6.97 -13.90 2.94
N ASP B 234 6.37 -13.04 3.76
CA ASP B 234 7.15 -12.26 4.71
C ASP B 234 7.89 -13.17 5.69
N ASN B 235 7.28 -14.30 6.06
CA ASN B 235 7.88 -15.24 6.99
C ASN B 235 9.04 -16.03 6.39
N LEU B 236 9.26 -16.01 5.07
CA LEU B 236 10.38 -16.74 4.51
C LEU B 236 11.71 -16.15 4.99
N GLU B 237 11.78 -14.82 5.14
CA GLU B 237 12.96 -14.17 5.71
C GLU B 237 13.13 -14.57 7.18
N LYS B 238 12.05 -14.42 7.96
CA LYS B 238 12.12 -14.58 9.41
C LYS B 238 12.67 -15.94 9.83
N ASN B 239 12.58 -16.94 8.99
CA ASN B 239 13.09 -18.26 9.32
C ASN B 239 14.03 -18.76 8.21
N PHE B 246 19.39 -13.35 4.51
CA PHE B 246 18.62 -14.38 3.79
C PHE B 246 18.53 -14.06 2.29
N LEU B 247 18.91 -15.05 1.47
CA LEU B 247 19.13 -14.86 0.05
C LEU B 247 17.89 -15.24 -0.76
N TRP B 248 17.58 -14.42 -1.76
CA TRP B 248 16.52 -14.71 -2.71
C TRP B 248 17.16 -15.24 -3.98
N PHE B 249 16.68 -16.39 -4.46
CA PHE B 249 17.29 -17.04 -5.61
C PHE B 249 16.42 -16.80 -6.86
N ASN B 250 16.24 -15.51 -7.17
CA ASN B 250 15.45 -15.08 -8.30
C ASN B 250 16.23 -14.00 -9.07
N THR B 251 15.52 -13.21 -9.88
CA THR B 251 16.17 -12.15 -10.63
C THR B 251 16.36 -10.90 -9.79
N THR B 252 15.30 -10.49 -9.07
CA THR B 252 15.32 -9.25 -8.33
C THR B 252 16.23 -9.27 -7.13
N LYS B 253 16.51 -10.45 -6.59
CA LYS B 253 17.20 -10.65 -5.31
C LYS B 253 16.42 -10.04 -4.15
N LYS B 254 15.10 -9.94 -4.31
CA LYS B 254 14.20 -9.44 -3.29
C LYS B 254 13.04 -10.41 -3.12
N LYS B 255 12.32 -10.29 -2.02
CA LYS B 255 11.15 -11.13 -1.82
C LYS B 255 10.18 -10.92 -2.98
N PRO B 256 9.48 -11.98 -3.42
CA PRO B 256 8.57 -11.85 -4.56
C PRO B 256 7.42 -10.89 -4.28
N LEU B 257 7.12 -10.09 -5.29
CA LEU B 257 5.89 -9.31 -5.27
C LEU B 257 4.70 -10.25 -5.37
N VAL B 258 3.53 -9.71 -5.02
CA VAL B 258 2.28 -10.45 -5.02
C VAL B 258 1.30 -9.79 -5.98
N PHE B 259 0.87 -10.56 -6.98
CA PHE B 259 -0.16 -10.16 -7.90
C PHE B 259 -1.40 -11.01 -7.70
N VAL B 260 -2.55 -10.45 -8.05
CA VAL B 260 -3.77 -11.23 -8.14
C VAL B 260 -4.25 -11.24 -9.59
N LYS B 261 -4.67 -12.40 -10.07
CA LYS B 261 -5.26 -12.50 -11.41
C LYS B 261 -6.78 -12.61 -11.28
N LEU B 262 -7.48 -11.70 -11.96
CA LEU B 262 -8.92 -11.57 -11.84
C LEU B 262 -9.66 -12.06 -13.10
N ALA B 263 -10.82 -12.61 -12.89
CA ALA B 263 -11.70 -13.05 -13.95
C ALA B 263 -12.54 -11.88 -14.48
N PRO B 264 -12.80 -11.84 -15.79
CA PRO B 264 -13.57 -10.73 -16.35
C PRO B 264 -15.07 -10.83 -16.13
N ASP B 265 -15.56 -11.96 -15.62
CA ASP B 265 -16.98 -12.22 -15.48
C ASP B 265 -17.39 -11.87 -14.05
N LEU B 266 -17.49 -10.57 -13.80
CA LEU B 266 -17.87 -10.02 -12.52
C LEU B 266 -18.71 -8.79 -12.78
N ASN B 267 -19.59 -8.46 -11.85
CA ASN B 267 -20.41 -7.26 -11.98
C ASN B 267 -19.66 -6.09 -11.35
N GLN B 268 -20.25 -4.91 -11.45
CA GLN B 268 -19.55 -3.70 -11.04
C GLN B 268 -19.39 -3.63 -9.52
N GLU B 269 -20.38 -4.10 -8.77
CA GLU B 269 -20.23 -4.08 -7.31
C GLU B 269 -19.07 -4.99 -6.89
N GLN B 270 -18.96 -6.15 -7.53
CA GLN B 270 -17.86 -7.05 -7.22
C GLN B 270 -16.52 -6.41 -7.57
N LYS B 271 -16.43 -5.79 -8.74
CA LYS B 271 -15.20 -5.11 -9.14
C LYS B 271 -14.79 -4.04 -8.14
N LYS B 272 -15.74 -3.24 -7.64
CA LYS B 272 -15.40 -2.18 -6.70
C LYS B 272 -15.04 -2.76 -5.33
N GLU B 273 -15.75 -3.80 -4.87
CA GLU B 273 -15.36 -4.43 -3.61
C GLU B 273 -13.95 -5.02 -3.71
N ILE B 274 -13.61 -5.66 -4.82
CA ILE B 274 -12.24 -6.16 -4.98
C ILE B 274 -11.24 -5.01 -4.94
N ALA B 275 -11.54 -3.91 -5.64
CA ALA B 275 -10.61 -2.78 -5.65
C ALA B 275 -10.34 -2.26 -4.23
N ASP B 276 -11.38 -2.12 -3.41
CA ASP B 276 -11.16 -1.63 -2.05
C ASP B 276 -10.25 -2.58 -1.27
N VAL B 277 -10.39 -3.91 -1.47
CA VAL B 277 -9.52 -4.88 -0.79
C VAL B 277 -8.09 -4.75 -1.27
N LEU B 278 -7.90 -4.58 -2.58
CA LEU B 278 -6.55 -4.44 -3.12
C LEU B 278 -5.84 -3.22 -2.56
N LEU B 279 -6.55 -2.09 -2.46
CA LEU B 279 -5.98 -0.89 -1.85
C LEU B 279 -5.59 -1.12 -0.38
N GLU B 280 -6.44 -1.78 0.39
CA GLU B 280 -6.18 -1.95 1.83
C GLU B 280 -5.06 -2.93 2.09
N THR B 281 -4.98 -4.01 1.28
CA THR B 281 -3.98 -5.04 1.50
C THR B 281 -2.67 -4.75 0.82
N ASN B 282 -2.61 -3.74 -0.07
CA ASN B 282 -1.39 -3.32 -0.74
C ASN B 282 -0.86 -4.43 -1.69
N ILE B 283 -1.75 -5.03 -2.45
CA ILE B 283 -1.31 -5.94 -3.53
C ILE B 283 -0.40 -5.16 -4.48
N ASP B 284 0.60 -5.84 -5.03
CA ASP B 284 1.60 -5.18 -5.88
C ASP B 284 1.14 -5.04 -7.32
N GLY B 285 0.11 -5.76 -7.71
CA GLY B 285 -0.35 -5.68 -9.08
C GLY B 285 -1.57 -6.53 -9.27
N MET B 286 -2.26 -6.24 -10.36
CA MET B 286 -3.39 -7.04 -10.77
C MET B 286 -3.30 -7.43 -12.23
N ILE B 287 -3.41 -8.72 -12.48
CA ILE B 287 -3.40 -9.26 -13.84
C ILE B 287 -4.84 -9.28 -14.34
N ILE B 288 -5.12 -8.43 -15.30
CA ILE B 288 -6.45 -8.24 -15.88
C ILE B 288 -6.32 -8.64 -17.36
N SER B 289 -6.82 -9.81 -17.74
CA SER B 289 -7.61 -10.72 -16.97
C SER B 289 -7.41 -12.14 -17.44
N ASN B 290 -8.10 -13.04 -16.75
CA ASN B 290 -8.19 -14.44 -17.16
C ASN B 290 -9.22 -14.58 -18.28
N THR B 291 -9.53 -15.82 -18.64
CA THR B 291 -10.45 -16.14 -19.72
C THR B 291 -11.89 -15.85 -19.29
N THR B 292 -12.77 -15.80 -20.28
CA THR B 292 -14.17 -15.40 -20.09
C THR B 292 -15.09 -16.54 -20.48
N THR B 293 -16.12 -16.74 -19.67
CA THR B 293 -17.21 -17.66 -19.97
C THR B 293 -18.42 -16.95 -20.57
N GLN B 294 -18.24 -15.76 -21.11
CA GLN B 294 -19.34 -14.94 -21.60
C GLN B 294 -19.50 -14.98 -23.11
N ILE B 295 -18.50 -15.46 -23.85
CA ILE B 295 -18.54 -15.40 -25.31
C ILE B 295 -19.33 -16.59 -25.85
N ASN B 296 -20.12 -16.34 -26.89
CA ASN B 296 -20.96 -17.41 -27.44
C ASN B 296 -21.20 -17.27 -28.93
N ASP B 297 -20.52 -16.34 -29.61
CA ASP B 297 -20.69 -16.13 -31.05
C ASP B 297 -19.55 -16.74 -31.86
N ILE B 298 -18.95 -17.82 -31.37
CA ILE B 298 -17.96 -18.60 -32.13
C ILE B 298 -18.57 -19.97 -32.37
N LYS B 299 -18.89 -20.26 -33.64
CA LYS B 299 -19.61 -21.49 -33.98
C LYS B 299 -18.79 -22.73 -33.63
N SER B 300 -17.50 -22.71 -33.99
CA SER B 300 -16.59 -23.80 -33.66
C SER B 300 -16.61 -24.16 -32.17
N PHE B 301 -17.05 -23.25 -31.29
CA PHE B 301 -16.96 -23.45 -29.85
C PHE B 301 -18.29 -23.75 -29.19
N GLU B 302 -19.41 -23.65 -29.92
CA GLU B 302 -20.72 -23.79 -29.29
C GLU B 302 -20.85 -25.12 -28.56
N ASN B 303 -20.13 -26.14 -29.02
CA ASN B 303 -20.14 -27.47 -28.44
C ASN B 303 -19.19 -27.63 -27.25
N LYS B 304 -18.31 -26.68 -27.00
CA LYS B 304 -17.21 -26.84 -26.06
C LYS B 304 -17.47 -26.09 -24.76
N LYS B 305 -16.83 -26.55 -23.68
CA LYS B 305 -16.87 -25.87 -22.39
C LYS B 305 -15.50 -25.31 -22.03
N GLY B 306 -15.51 -24.30 -21.16
CA GLY B 306 -14.30 -23.71 -20.62
C GLY B 306 -14.30 -22.20 -20.79
N GLY B 307 -13.10 -21.63 -20.78
CA GLY B 307 -12.94 -20.20 -20.95
C GLY B 307 -12.29 -19.87 -22.28
N VAL B 308 -12.68 -18.72 -22.82
CA VAL B 308 -12.24 -18.24 -24.13
C VAL B 308 -11.11 -17.22 -23.94
N SER B 309 -10.03 -17.44 -24.68
CA SER B 309 -8.90 -16.54 -24.87
C SER B 309 -8.90 -15.99 -26.29
N GLY B 310 -8.03 -15.01 -26.53
CA GLY B 310 -7.83 -14.51 -27.88
C GLY B 310 -8.55 -13.22 -28.19
N ALA B 311 -8.73 -13.01 -29.49
CA ALA B 311 -9.14 -11.69 -29.96
C ALA B 311 -10.53 -11.33 -29.48
N LYS B 312 -11.40 -12.32 -29.23
CA LYS B 312 -12.73 -11.99 -28.73
C LYS B 312 -12.75 -11.62 -27.26
N LEU B 313 -11.62 -11.76 -26.57
CA LEU B 313 -11.47 -11.28 -25.20
C LEU B 313 -10.95 -9.85 -25.12
N LYS B 314 -10.45 -9.30 -26.23
CA LYS B 314 -9.64 -8.08 -26.13
C LYS B 314 -10.44 -6.92 -25.54
N ASP B 315 -11.61 -6.65 -26.11
CA ASP B 315 -12.36 -5.46 -25.70
C ASP B 315 -12.87 -5.61 -24.27
N ILE B 316 -13.42 -6.78 -23.96
CA ILE B 316 -13.86 -7.09 -22.61
C ILE B 316 -12.75 -6.80 -21.60
N SER B 317 -11.56 -7.34 -21.84
CA SER B 317 -10.52 -7.22 -20.83
C SER B 317 -9.93 -5.81 -20.81
N THR B 318 -9.86 -5.15 -21.96
CA THR B 318 -9.41 -3.75 -21.96
C THR B 318 -10.35 -2.88 -21.15
N LYS B 319 -11.67 -3.09 -21.31
CA LYS B 319 -12.63 -2.32 -20.53
C LYS B 319 -12.49 -2.58 -19.05
N PHE B 320 -12.21 -3.83 -18.67
CA PHE B 320 -12.00 -4.18 -17.26
C PHE B 320 -10.74 -3.49 -16.73
N ILE B 321 -9.71 -3.35 -17.57
CA ILE B 321 -8.53 -2.59 -17.16
C ILE B 321 -8.91 -1.15 -16.82
N CYS B 322 -9.64 -0.50 -17.72
CA CYS B 322 -10.08 0.88 -17.47
C CYS B 322 -10.84 1.00 -16.15
N GLU B 323 -11.77 0.09 -15.91
CA GLU B 323 -12.58 0.11 -14.70
C GLU B 323 -11.72 -0.04 -13.44
N MET B 324 -10.83 -1.01 -13.44
CA MET B 324 -10.08 -1.30 -12.23
C MET B 324 -9.02 -0.25 -11.97
N TYR B 325 -8.40 0.27 -13.04
CA TYR B 325 -7.54 1.45 -12.92
C TYR B 325 -8.24 2.57 -12.18
N ASN B 326 -9.49 2.85 -12.53
CA ASN B 326 -10.19 3.91 -11.83
C ASN B 326 -10.68 3.49 -10.44
N TYR B 327 -11.17 2.26 -10.27
CA TYR B 327 -11.67 1.85 -8.96
C TYR B 327 -10.58 1.79 -7.91
N THR B 328 -9.34 1.50 -8.33
CA THR B 328 -8.21 1.52 -7.43
C THR B 328 -7.47 2.87 -7.46
N ASN B 329 -8.04 3.87 -8.12
CA ASN B 329 -7.52 5.23 -8.07
C ASN B 329 -6.09 5.29 -8.58
N LYS B 330 -5.76 4.46 -9.58
CA LYS B 330 -4.45 4.40 -10.22
C LYS B 330 -3.34 3.94 -9.30
N GLN B 331 -3.65 3.31 -8.17
CA GLN B 331 -2.65 2.99 -7.17
C GLN B 331 -2.11 1.58 -7.30
N ILE B 332 -2.71 0.76 -8.16
CA ILE B 332 -2.36 -0.66 -8.28
C ILE B 332 -1.95 -0.94 -9.72
N PRO B 333 -0.66 -1.21 -9.96
CA PRO B 333 -0.19 -1.55 -11.29
C PRO B 333 -0.94 -2.69 -11.94
N ILE B 334 -1.06 -2.62 -13.25
CA ILE B 334 -1.87 -3.56 -14.00
C ILE B 334 -1.01 -4.34 -14.98
N ILE B 335 -1.15 -5.64 -14.97
CA ILE B 335 -0.56 -6.53 -15.96
C ILE B 335 -1.68 -6.91 -16.91
N ALA B 336 -1.56 -6.55 -18.21
CA ALA B 336 -2.61 -6.82 -19.17
C ALA B 336 -2.53 -8.23 -19.76
N SER B 337 -3.65 -8.92 -19.77
CA SER B 337 -3.79 -10.21 -20.48
C SER B 337 -5.16 -10.21 -21.13
N GLY B 338 -5.20 -10.48 -22.43
CA GLY B 338 -6.44 -10.70 -23.14
C GLY B 338 -6.45 -10.10 -24.54
N GLY B 339 -6.24 -10.93 -25.56
CA GLY B 339 -6.43 -10.53 -26.94
C GLY B 339 -5.39 -9.62 -27.52
N ILE B 340 -4.17 -9.64 -26.99
CA ILE B 340 -3.08 -8.78 -27.47
C ILE B 340 -2.35 -9.52 -28.58
N PHE B 341 -2.43 -8.99 -29.80
CA PHE B 341 -1.77 -9.56 -30.97
C PHE B 341 -0.84 -8.60 -31.68
N SER B 342 -1.07 -7.29 -31.60
CA SER B 342 -0.33 -6.29 -32.35
C SER B 342 0.21 -5.21 -31.43
N GLY B 343 1.15 -4.44 -31.95
CA GLY B 343 1.60 -3.27 -31.21
C GLY B 343 0.45 -2.35 -30.88
N LEU B 344 -0.50 -2.21 -31.79
CA LEU B 344 -1.66 -1.37 -31.52
C LEU B 344 -2.46 -1.90 -30.32
N ASP B 345 -2.78 -3.19 -30.35
CA ASP B 345 -3.42 -3.85 -29.21
C ASP B 345 -2.68 -3.56 -27.90
N ALA B 346 -1.36 -3.70 -27.93
CA ALA B 346 -0.58 -3.50 -26.73
C ALA B 346 -0.69 -2.06 -26.24
N LEU B 347 -0.63 -1.09 -27.15
CA LEU B 347 -0.71 0.31 -26.74
C LEU B 347 -2.09 0.65 -26.17
N GLU B 348 -3.15 0.05 -26.71
CA GLU B 348 -4.49 0.19 -26.13
C GLU B 348 -4.50 -0.29 -24.67
N LYS B 349 -3.89 -1.43 -24.38
CA LYS B 349 -3.84 -1.89 -23.00
C LYS B 349 -3.07 -0.91 -22.12
N ILE B 350 -1.89 -0.47 -22.60
CA ILE B 350 -1.05 0.46 -21.83
C ILE B 350 -1.78 1.78 -21.59
N GLU B 351 -2.36 2.36 -22.64
CA GLU B 351 -3.09 3.60 -22.47
C GLU B 351 -4.32 3.43 -21.59
N ALA B 352 -4.89 2.22 -21.52
CA ALA B 352 -6.02 1.95 -20.60
C ALA B 352 -5.57 1.89 -19.14
N GLY B 353 -4.27 1.68 -18.88
CA GLY B 353 -3.79 1.60 -17.51
C GLY B 353 -2.73 0.56 -17.25
N ALA B 354 -2.45 -0.31 -18.23
CA ALA B 354 -1.50 -1.40 -18.00
C ALA B 354 -0.06 -0.92 -18.09
N SER B 355 0.80 -1.49 -17.24
CA SER B 355 2.23 -1.25 -17.29
C SER B 355 2.98 -2.23 -18.14
N VAL B 356 2.41 -3.41 -18.38
CA VAL B 356 3.10 -4.48 -19.08
C VAL B 356 2.04 -5.40 -19.62
N CYS B 357 2.40 -6.21 -20.62
CA CYS B 357 1.47 -7.06 -21.34
C CYS B 357 1.91 -8.51 -21.26
N GLN B 358 0.93 -9.40 -21.19
CA GLN B 358 1.18 -10.84 -21.33
C GLN B 358 0.55 -11.35 -22.59
N LEU B 359 1.27 -12.21 -23.33
CA LEU B 359 0.70 -12.88 -24.50
C LEU B 359 0.48 -14.37 -24.24
N TYR B 360 -0.52 -14.90 -24.93
CA TYR B 360 -0.76 -16.35 -24.94
C TYR B 360 -1.26 -16.69 -26.34
N SER B 361 -2.51 -16.31 -26.65
CA SER B 361 -3.06 -16.60 -27.96
C SER B 361 -2.18 -16.07 -29.10
N CYS B 362 -1.46 -14.96 -28.90
CA CYS B 362 -0.60 -14.46 -29.98
C CYS B 362 0.52 -15.45 -30.30
N LEU B 363 1.09 -16.05 -29.26
CA LEU B 363 2.15 -17.03 -29.48
C LEU B 363 1.60 -18.25 -30.21
N VAL B 364 0.36 -18.63 -29.91
CA VAL B 364 -0.24 -19.79 -30.57
C VAL B 364 -0.46 -19.51 -32.05
N PHE B 365 -0.98 -18.32 -32.38
CA PHE B 365 -1.39 -18.04 -33.75
C PHE B 365 -0.32 -17.36 -34.59
N ASN B 366 0.63 -16.65 -33.97
CA ASN B 366 1.73 -16.04 -34.70
C ASN B 366 3.04 -16.83 -34.56
N GLY B 367 3.14 -17.70 -33.56
CA GLY B 367 4.28 -18.60 -33.46
C GLY B 367 5.59 -17.91 -33.13
N MET B 368 6.68 -18.42 -33.73
CA MET B 368 8.01 -18.08 -33.24
C MET B 368 8.28 -16.57 -33.29
N LYS B 369 7.72 -15.87 -34.27
CA LYS B 369 7.95 -14.45 -34.53
C LYS B 369 7.15 -13.53 -33.61
N SER B 370 6.38 -14.08 -32.67
CA SER B 370 5.45 -13.30 -31.87
C SER B 370 6.10 -12.10 -31.20
N ALA B 371 7.20 -12.33 -30.48
CA ALA B 371 7.81 -11.25 -29.71
C ALA B 371 8.51 -10.25 -30.60
N VAL B 372 9.36 -10.75 -31.51
CA VAL B 372 10.04 -9.85 -32.45
C VAL B 372 9.06 -8.90 -33.10
N GLN B 373 7.98 -9.45 -33.64
CA GLN B 373 7.05 -8.67 -34.43
C GLN B 373 6.32 -7.64 -33.59
N ILE B 374 5.78 -8.05 -32.45
CA ILE B 374 5.00 -7.13 -31.62
C ILE B 374 5.87 -6.05 -31.02
N LYS B 375 7.12 -6.36 -30.68
CA LYS B 375 8.00 -5.34 -30.16
C LYS B 375 8.30 -4.29 -31.21
N ARG B 376 8.50 -4.73 -32.45
CA ARG B 376 8.76 -3.80 -33.54
C ARG B 376 7.55 -2.93 -33.81
N GLU B 377 6.36 -3.53 -33.79
CA GLU B 377 5.15 -2.76 -34.03
C GLU B 377 4.95 -1.72 -32.93
N LEU B 378 5.26 -2.08 -31.68
CA LEU B 378 5.03 -1.13 -30.59
C LEU B 378 6.00 0.04 -30.65
N ASN B 379 7.27 -0.24 -30.95
CA ASN B 379 8.26 0.83 -31.06
C ASN B 379 7.87 1.84 -32.12
N HIS B 380 7.48 1.35 -33.31
CA HIS B 380 7.09 2.23 -34.38
C HIS B 380 5.86 3.05 -34.00
N LEU B 381 4.97 2.48 -33.21
CA LEU B 381 3.78 3.21 -32.78
C LEU B 381 4.12 4.24 -31.72
N LEU B 382 5.05 3.95 -30.81
CA LEU B 382 5.48 4.99 -29.87
C LEU B 382 6.11 6.17 -30.61
N TYR B 383 6.88 5.89 -31.67
CA TYR B 383 7.36 6.93 -32.59
C TYR B 383 6.21 7.72 -33.18
N GLN B 384 5.26 7.03 -33.83
CA GLN B 384 4.22 7.74 -34.55
C GLN B 384 3.39 8.61 -33.63
N ARG B 385 3.06 8.08 -32.46
CA ARG B 385 2.21 8.76 -31.48
C ARG B 385 2.90 9.88 -30.73
N GLY B 386 4.24 9.99 -30.81
CA GLY B 386 4.92 11.11 -30.19
C GLY B 386 5.30 10.90 -28.75
N TYR B 387 5.14 9.69 -28.23
CA TYR B 387 5.60 9.39 -26.87
C TYR B 387 7.12 9.38 -26.82
N TYR B 388 7.68 9.95 -25.77
CA TYR B 388 9.12 9.80 -25.58
C TYR B 388 9.47 8.36 -25.16
N ASN B 389 8.66 7.75 -24.30
CA ASN B 389 8.83 6.35 -23.96
C ASN B 389 7.48 5.74 -23.59
N LEU B 390 7.51 4.44 -23.30
CA LEU B 390 6.30 3.69 -23.01
C LEU B 390 5.67 4.12 -21.71
N LYS B 391 6.50 4.39 -20.68
CA LYS B 391 5.97 4.81 -19.40
C LYS B 391 5.07 6.05 -19.52
N GLU B 392 5.44 7.00 -20.40
CA GLU B 392 4.62 8.18 -20.63
C GLU B 392 3.21 7.81 -21.07
N ALA B 393 3.04 6.66 -21.73
CA ALA B 393 1.76 6.25 -22.27
C ALA B 393 0.85 5.59 -21.23
N ILE B 394 1.40 5.17 -20.08
CA ILE B 394 0.61 4.35 -19.15
C ILE B 394 -0.56 5.18 -18.63
N GLY B 395 -1.78 4.67 -18.82
CA GLY B 395 -2.97 5.35 -18.32
C GLY B 395 -3.42 6.59 -19.08
N ARG B 396 -2.84 6.88 -20.25
CA ARG B 396 -3.07 8.17 -20.87
C ARG B 396 -4.50 8.35 -21.40
N LYS B 397 -5.26 7.29 -21.62
CA LYS B 397 -6.68 7.48 -21.88
C LYS B 397 -7.41 8.13 -20.71
N HIS B 398 -6.79 8.17 -19.52
CA HIS B 398 -7.43 8.77 -18.36
C HIS B 398 -6.83 10.12 -17.93
#